data_3LXC
#
_entry.id   3LXC
#
_cell.length_a   89.947
_cell.length_b   139.492
_cell.length_c   182.580
_cell.angle_alpha   90.000
_cell.angle_beta   90.000
_cell.angle_gamma   90.000
#
_symmetry.space_group_name_H-M   'C 2 2 21'
#
loop_
_entity.id
_entity.type
_entity.pdbx_description
1 polymer 'Alpha-galactosidase A'
2 branched alpha-D-mannopyranose-(1-3)-beta-D-mannopyranose-(1-4)-2-acetamido-2-deoxy-beta-D-glucopyranose-(1-4)-2-acetamido-2-deoxy-beta-D-glucopyranose
3 branched alpha-D-mannopyranose-(1-3)-beta-D-mannopyranose-(1-4)-2-acetamido-2-deoxy-beta-D-glucopyranose-(1-4)-[alpha-L-fucopyranose-(1-3)]2-acetamido-2-deoxy-beta-D-glucopyranose
4 branched beta-D-mannopyranose-(1-4)-2-acetamido-2-deoxy-beta-D-glucopyranose-(1-4)-2-acetamido-2-deoxy-beta-D-glucopyranose
5 non-polymer 2-acetamido-2-deoxy-beta-D-glucopyranose
6 non-polymer GLYCEROL
7 water water
#
_entity_poly.entity_id   1
_entity_poly.type   'polypeptide(L)'
_entity_poly.pdbx_seq_one_letter_code
;LDNGLARTPTMGWLHWERFMCNLDCQEEPDSCISEKLFMEMAELMVSEGWKDAGYEYLCIDDCWMAPQRDSEGRLQADPQ
RFPHGIRQLANYVHSKGLKLGIYADVGNKTCAGFPGSFGYYDIDAQTFADWGVDLLKFDGCYCDSLENLADGYKHMSLAL
NRTGRSIVYSCSWPAYMWPFQKPNYTEIRQYCNHWRNFADIDDSWKSIKSILDWTSFNQERIVDVAGPGGWNDPDMLVIG
NFGLSWNQQVTQMALWAIMAAPLFMSNDLRHISPQAKALLQDKDVIAINQDPLGKQGYQLRQGDNFEVWERPLSGLAWAV
AMINRQEIGGPRSYTIAVASLGKGVACNPACFITQLLPVKRKLGFYEWTSRLRSHINPTGTVLLQLENTMQMSLKDLLHH
HHHH
;
_entity_poly.pdbx_strand_id   A,B
#
# COMPACT_ATOMS: atom_id res chain seq x y z
N LEU A 1 30.91 -3.87 -17.11
CA LEU A 1 32.13 -3.01 -17.20
C LEU A 1 33.31 -3.68 -16.50
N ASP A 2 34.40 -3.88 -17.23
CA ASP A 2 35.51 -4.70 -16.76
C ASP A 2 36.49 -3.88 -15.93
N ASN A 3 36.01 -3.30 -14.85
CA ASN A 3 36.83 -2.45 -14.00
C ASN A 3 37.11 -3.11 -12.64
N GLY A 4 36.68 -4.35 -12.47
CA GLY A 4 36.89 -5.10 -11.22
C GLY A 4 35.90 -4.77 -10.12
N LEU A 5 34.90 -3.95 -10.43
CA LEU A 5 33.94 -3.52 -9.42
C LEU A 5 32.57 -4.15 -9.63
N ALA A 6 31.75 -4.12 -8.57
CA ALA A 6 30.39 -4.61 -8.62
C ALA A 6 30.36 -6.07 -9.07
N ARG A 7 31.22 -6.88 -8.45
CA ARG A 7 31.32 -8.30 -8.80
C ARG A 7 30.09 -9.02 -8.29
N THR A 8 29.47 -8.42 -7.28
CA THR A 8 28.12 -8.72 -6.84
C THR A 8 27.38 -7.39 -6.91
N PRO A 9 26.03 -7.42 -6.95
CA PRO A 9 25.28 -6.17 -6.98
C PRO A 9 25.70 -5.21 -5.86
N THR A 10 25.92 -3.94 -6.20
CA THR A 10 26.32 -2.93 -5.23
C THR A 10 25.25 -2.69 -4.18
N MET A 11 25.67 -2.50 -2.94
CA MET A 11 24.74 -2.28 -1.85
C MET A 11 25.04 -0.94 -1.20
N GLY A 12 24.00 -0.23 -0.79
CA GLY A 12 24.21 1.03 -0.12
C GLY A 12 22.94 1.79 0.10
N TRP A 13 23.08 3.12 0.17
CA TRP A 13 22.00 4.03 0.52
C TRP A 13 22.03 5.27 -0.36
N LEU A 14 20.85 5.74 -0.74
CA LEU A 14 20.71 6.81 -1.70
C LEU A 14 19.62 7.72 -1.13
N HIS A 15 19.83 9.04 -1.17
CA HIS A 15 18.94 9.95 -0.43
C HIS A 15 17.60 10.23 -1.11
N TRP A 16 17.49 9.90 -2.40
CA TRP A 16 16.51 10.55 -3.24
C TRP A 16 15.06 10.33 -2.88
N GLU A 17 14.62 9.07 -2.93
CA GLU A 17 13.22 8.76 -2.75
C GLU A 17 12.70 9.34 -1.44
N ARG A 18 13.46 9.20 -0.36
CA ARG A 18 12.99 9.69 0.94
C ARG A 18 13.15 11.21 1.10
N PHE A 19 14.23 11.78 0.57
CA PHE A 19 14.56 13.19 0.86
C PHE A 19 14.47 14.14 -0.32
N MET A 20 14.53 13.61 -1.52
CA MET A 20 14.32 14.35 -2.76
C MET A 20 15.22 15.58 -2.89
N CYS A 21 14.64 16.70 -3.30
CA CYS A 21 15.39 17.90 -3.59
C CYS A 21 14.95 19.01 -2.65
N ASN A 22 15.02 18.71 -1.36
CA ASN A 22 14.66 19.65 -0.31
C ASN A 22 15.83 20.59 -0.01
N LEU A 23 15.77 21.79 -0.58
CA LEU A 23 16.83 22.77 -0.43
C LEU A 23 16.58 23.79 0.70
N ASP A 24 15.53 23.58 1.50
CA ASP A 24 15.13 24.56 2.52
C ASP A 24 15.66 24.18 3.89
N CYS A 25 16.87 24.63 4.22
CA CYS A 25 17.48 24.34 5.51
C CYS A 25 17.07 25.32 6.62
N GLN A 26 16.38 26.39 6.22
CA GLN A 26 15.80 27.34 7.17
C GLN A 26 14.67 26.68 7.95
N GLU A 27 13.68 26.16 7.22
CA GLU A 27 12.49 25.56 7.82
C GLU A 27 12.68 24.07 8.18
N GLU A 28 13.36 23.32 7.33
CA GLU A 28 13.53 21.88 7.50
C GLU A 28 15.02 21.46 7.57
N PRO A 29 15.73 21.93 8.61
CA PRO A 29 17.18 21.70 8.70
C PRO A 29 17.60 20.24 8.85
N ASP A 30 16.71 19.40 9.37
CA ASP A 30 17.03 18.00 9.63
C ASP A 30 16.71 17.09 8.45
N SER A 31 16.07 17.63 7.42
CA SER A 31 15.74 16.84 6.25
C SER A 31 16.20 17.44 4.92
N CYS A 32 16.80 18.62 4.91
CA CYS A 32 17.31 19.21 3.65
C CYS A 32 18.59 18.50 3.22
N ILE A 33 18.88 18.57 1.91
CA ILE A 33 20.07 17.90 1.37
C ILE A 33 21.33 18.69 1.75
N SER A 34 21.99 18.24 2.81
CA SER A 34 23.16 18.92 3.35
C SER A 34 24.25 17.92 3.73
N GLU A 35 25.46 18.41 3.91
CA GLU A 35 26.55 17.58 4.43
C GLU A 35 26.17 16.91 5.75
N LYS A 36 25.41 17.60 6.58
CA LYS A 36 25.05 17.08 7.90
C LYS A 36 24.17 15.84 7.78
N LEU A 37 23.28 15.83 6.80
CA LEU A 37 22.42 14.68 6.55
C LEU A 37 23.28 13.46 6.30
N PHE A 38 24.29 13.62 5.45
CA PHE A 38 25.11 12.49 5.02
C PHE A 38 26.08 12.05 6.10
N MET A 39 26.64 12.99 6.83
CA MET A 39 27.48 12.63 7.98
C MET A 39 26.67 11.80 8.97
N GLU A 40 25.44 12.20 9.24
CA GLU A 40 24.57 11.49 10.17
C GLU A 40 24.29 10.07 9.70
N MET A 41 24.01 9.91 8.40
CA MET A 41 23.72 8.60 7.85
C MET A 41 24.94 7.69 7.88
N ALA A 42 26.11 8.26 7.61
CA ALA A 42 27.35 7.49 7.62
C ALA A 42 27.62 6.96 9.04
N GLU A 43 27.33 7.78 10.05
CA GLU A 43 27.51 7.35 11.43
C GLU A 43 26.58 6.19 11.75
N LEU A 44 25.35 6.28 11.27
CA LEU A 44 24.35 5.26 11.56
C LEU A 44 24.61 3.98 10.75
N MET A 45 25.15 4.12 9.55
CA MET A 45 25.47 2.95 8.74
C MET A 45 26.46 2.03 9.45
N VAL A 46 27.38 2.61 10.19
CA VAL A 46 28.30 1.83 11.01
C VAL A 46 27.59 1.35 12.27
N SER A 47 27.13 2.27 13.10
CA SER A 47 26.63 1.93 14.44
C SER A 47 25.37 1.04 14.52
N GLU A 48 24.57 1.01 13.46
CA GLU A 48 23.34 0.21 13.44
C GLU A 48 23.40 -1.03 12.53
N GLY A 49 24.60 -1.41 12.08
CA GLY A 49 24.79 -2.71 11.44
C GLY A 49 24.67 -2.77 9.92
N TRP A 50 24.43 -1.63 9.28
CA TRP A 50 24.21 -1.61 7.83
C TRP A 50 25.47 -1.98 7.05
N LYS A 51 26.61 -1.45 7.48
CA LYS A 51 27.90 -1.80 6.90
C LYS A 51 28.15 -3.29 7.06
N ASP A 52 27.98 -3.80 8.28
CA ASP A 52 28.15 -5.23 8.55
C ASP A 52 27.27 -6.10 7.64
N ALA A 53 26.03 -5.68 7.41
CA ALA A 53 25.12 -6.41 6.51
C ALA A 53 25.60 -6.35 5.06
N GLY A 54 26.45 -5.35 4.78
CA GLY A 54 27.09 -5.21 3.48
C GLY A 54 26.75 -3.94 2.72
N TYR A 55 25.96 -3.06 3.34
CA TYR A 55 25.63 -1.75 2.76
C TYR A 55 26.77 -0.77 2.95
N GLU A 56 27.51 -0.48 1.89
CA GLU A 56 28.77 0.26 2.03
C GLU A 56 28.88 1.56 1.22
N TYR A 57 28.13 1.69 0.14
CA TYR A 57 28.10 2.97 -0.57
C TYR A 57 27.08 3.92 0.04
N LEU A 58 27.53 5.13 0.35
CA LEU A 58 26.69 6.20 0.82
C LEU A 58 26.62 7.25 -0.27
N CYS A 59 25.45 7.44 -0.85
CA CYS A 59 25.33 8.04 -2.17
C CYS A 59 24.47 9.28 -2.20
N ILE A 60 25.06 10.37 -2.69
CA ILE A 60 24.36 11.61 -2.91
C ILE A 60 23.66 11.50 -4.24
N ASP A 61 22.37 11.82 -4.26
CA ASP A 61 21.65 11.92 -5.51
C ASP A 61 21.65 13.38 -5.95
N ASP A 62 20.67 13.76 -6.78
CA ASP A 62 20.58 15.12 -7.32
C ASP A 62 20.46 16.18 -6.22
N CYS A 63 20.78 17.42 -6.59
CA CYS A 63 20.59 18.60 -5.73
C CYS A 63 21.66 18.80 -4.66
N TRP A 64 22.89 18.37 -4.93
CA TRP A 64 24.04 18.71 -4.08
C TRP A 64 24.79 19.92 -4.62
N MET A 65 24.66 20.18 -5.92
CA MET A 65 25.48 21.17 -6.60
C MET A 65 25.05 22.58 -6.30
N ALA A 66 26.03 23.50 -6.33
CA ALA A 66 25.74 24.92 -6.51
C ALA A 66 25.19 25.17 -7.93
N PRO A 67 24.46 26.29 -8.13
CA PRO A 67 23.83 26.56 -9.43
C PRO A 67 24.79 26.77 -10.61
N GLN A 68 25.99 27.28 -10.33
CA GLN A 68 26.96 27.65 -11.36
C GLN A 68 28.22 26.81 -11.22
N ARG A 69 28.89 26.58 -12.34
CA ARG A 69 30.25 26.08 -12.29
C ARG A 69 31.18 27.20 -11.81
N ASP A 70 32.33 26.83 -11.28
CA ASP A 70 33.34 27.80 -10.91
C ASP A 70 34.14 28.30 -12.12
N SER A 71 35.12 29.15 -11.87
CA SER A 71 35.93 29.79 -12.90
C SER A 71 36.72 28.79 -13.75
N GLU A 72 37.12 27.69 -13.12
CA GLU A 72 37.81 26.62 -13.81
C GLU A 72 36.86 25.60 -14.45
N GLY A 73 35.56 25.90 -14.47
CA GLY A 73 34.59 25.06 -15.16
C GLY A 73 34.15 23.84 -14.38
N ARG A 74 34.40 23.83 -13.07
CA ARG A 74 34.07 22.68 -12.24
C ARG A 74 32.71 22.83 -11.60
N LEU A 75 32.06 21.69 -11.38
CA LEU A 75 30.88 21.63 -10.55
C LEU A 75 31.31 21.99 -9.13
N GLN A 76 30.49 22.77 -8.45
CA GLN A 76 30.77 23.13 -7.08
C GLN A 76 29.68 22.55 -6.24
N ALA A 77 30.05 22.07 -5.07
CA ALA A 77 29.09 21.76 -4.05
C ALA A 77 28.40 23.04 -3.70
N ASP A 78 27.12 22.96 -3.35
CA ASP A 78 26.42 24.13 -2.84
C ASP A 78 27.10 24.60 -1.56
N PRO A 79 27.46 25.90 -1.49
CA PRO A 79 28.29 26.39 -0.40
C PRO A 79 27.61 26.55 0.96
N GLN A 80 26.31 26.84 0.98
CA GLN A 80 25.60 26.94 2.26
C GLN A 80 25.16 25.57 2.78
N ARG A 81 24.88 24.63 1.87
CA ARG A 81 24.47 23.28 2.30
C ARG A 81 25.63 22.28 2.47
N PHE A 82 26.74 22.52 1.75
CA PHE A 82 27.98 21.73 1.90
C PHE A 82 29.20 22.66 2.10
N PRO A 83 29.19 23.47 3.17
CA PRO A 83 30.23 24.47 3.40
C PRO A 83 31.66 23.94 3.54
N HIS A 84 31.82 22.67 3.92
CA HIS A 84 33.15 22.07 4.02
C HIS A 84 33.56 21.30 2.78
N GLY A 85 32.67 21.21 1.79
CA GLY A 85 33.02 20.64 0.49
C GLY A 85 32.97 19.11 0.45
N ILE A 86 32.93 18.58 -0.77
CA ILE A 86 32.79 17.14 -0.97
C ILE A 86 34.04 16.35 -0.54
N ARG A 87 35.23 16.95 -0.68
CA ARG A 87 36.47 16.29 -0.26
C ARG A 87 36.42 15.91 1.21
N GLN A 88 36.08 16.87 2.05
CA GLN A 88 36.00 16.63 3.48
C GLN A 88 34.91 15.60 3.80
N LEU A 89 33.83 15.62 3.01
CA LEU A 89 32.76 14.66 3.20
C LEU A 89 33.27 13.27 2.86
N ALA A 90 33.85 13.14 1.68
CA ALA A 90 34.46 11.88 1.26
C ALA A 90 35.46 11.37 2.31
N ASN A 91 36.33 12.23 2.80
CA ASN A 91 37.28 11.82 3.84
C ASN A 91 36.58 11.30 5.09
N TYR A 92 35.55 12.00 5.53
CA TYR A 92 34.75 11.57 6.68
C TYR A 92 34.09 10.22 6.43
N VAL A 93 33.48 10.06 5.26
CA VAL A 93 32.83 8.80 4.90
C VAL A 93 33.86 7.68 4.86
N HIS A 94 35.04 7.97 4.30
CA HIS A 94 36.11 6.99 4.21
C HIS A 94 36.62 6.63 5.59
N SER A 95 36.65 7.61 6.50
CA SER A 95 37.11 7.36 7.87
C SER A 95 36.21 6.40 8.64
N LYS A 96 35.01 6.13 8.12
CA LYS A 96 34.08 5.18 8.75
C LYS A 96 34.17 3.78 8.13
N GLY A 97 34.96 3.65 7.06
CA GLY A 97 35.06 2.41 6.33
C GLY A 97 34.05 2.30 5.20
N LEU A 98 33.39 3.41 4.88
CA LEU A 98 32.34 3.43 3.87
C LEU A 98 32.85 4.07 2.59
N LYS A 99 32.07 3.97 1.53
CA LYS A 99 32.41 4.56 0.24
C LYS A 99 31.40 5.65 -0.17
N LEU A 100 31.83 6.65 -0.94
CA LEU A 100 30.96 7.76 -1.36
C LEU A 100 30.52 7.67 -2.81
N GLY A 101 29.21 7.72 -3.03
CA GLY A 101 28.65 7.87 -4.36
C GLY A 101 28.24 9.32 -4.56
N ILE A 102 28.12 9.74 -5.82
CA ILE A 102 27.68 11.11 -6.17
C ILE A 102 26.87 11.07 -7.45
N TYR A 103 26.17 12.16 -7.75
CA TYR A 103 25.25 12.24 -8.88
C TYR A 103 25.70 13.28 -9.88
N ALA A 104 25.55 12.96 -11.16
CA ALA A 104 25.74 13.93 -12.22
C ALA A 104 24.83 13.51 -13.38
N ASP A 105 24.85 14.26 -14.49
CA ASP A 105 23.88 14.02 -15.60
C ASP A 105 24.56 14.12 -16.97
N VAL A 106 24.15 13.25 -17.89
CA VAL A 106 24.81 13.17 -19.18
C VAL A 106 24.58 14.42 -20.03
N GLY A 107 23.45 15.08 -19.81
CA GLY A 107 23.00 16.19 -20.65
C GLY A 107 23.30 17.56 -20.05
N ASN A 108 22.60 18.58 -20.53
CA ASN A 108 22.87 19.97 -20.16
C ASN A 108 22.44 20.35 -18.74
N LYS A 109 21.44 19.67 -18.20
CA LYS A 109 20.98 19.92 -16.85
C LYS A 109 20.71 18.59 -16.16
N THR A 110 20.70 18.60 -14.83
CA THR A 110 20.24 17.45 -14.09
C THR A 110 18.72 17.50 -14.10
N CYS A 111 18.08 16.38 -13.79
CA CYS A 111 16.61 16.35 -13.79
C CYS A 111 16.02 17.45 -12.92
N ALA A 112 16.65 17.72 -11.78
CA ALA A 112 16.21 18.81 -10.88
C ALA A 112 16.55 20.20 -11.42
N GLY A 113 17.46 20.30 -12.39
CA GLY A 113 17.72 21.57 -13.08
C GLY A 113 19.09 22.21 -12.84
N PHE A 114 19.94 21.52 -12.08
CA PHE A 114 21.30 21.97 -11.80
C PHE A 114 22.25 21.67 -12.97
N PRO A 115 23.49 22.19 -12.93
CA PRO A 115 24.39 22.01 -14.07
C PRO A 115 24.58 20.55 -14.49
N GLY A 116 24.37 20.28 -15.77
CA GLY A 116 24.65 18.97 -16.34
C GLY A 116 26.09 18.89 -16.83
N SER A 117 26.54 17.68 -17.16
CA SER A 117 27.95 17.46 -17.48
C SER A 117 28.26 17.45 -18.96
N PHE A 118 27.27 17.67 -19.82
CA PHE A 118 27.56 17.71 -21.27
C PHE A 118 28.51 18.85 -21.55
N GLY A 119 29.62 18.52 -22.20
CA GLY A 119 30.65 19.49 -22.49
C GLY A 119 31.70 19.55 -21.40
N TYR A 120 31.53 18.79 -20.33
CA TYR A 120 32.46 18.80 -19.23
C TYR A 120 32.78 17.38 -18.73
N TYR A 121 32.70 16.37 -19.61
CA TYR A 121 32.79 14.99 -19.13
C TYR A 121 34.14 14.71 -18.47
N ASP A 122 35.21 15.16 -19.11
CA ASP A 122 36.55 14.92 -18.59
C ASP A 122 36.80 15.72 -17.30
N ILE A 123 36.36 16.97 -17.28
CA ILE A 123 36.58 17.81 -16.12
C ILE A 123 35.85 17.23 -14.93
N ASP A 124 34.59 16.86 -15.14
CA ASP A 124 33.78 16.28 -14.07
C ASP A 124 34.36 14.94 -13.61
N ALA A 125 34.77 14.11 -14.56
CA ALA A 125 35.49 12.87 -14.23
C ALA A 125 36.69 13.16 -13.32
N GLN A 126 37.54 14.09 -13.73
CA GLN A 126 38.73 14.42 -12.95
C GLN A 126 38.38 14.91 -11.54
N THR A 127 37.33 15.73 -11.45
CA THR A 127 36.95 16.36 -10.20
C THR A 127 36.56 15.33 -9.18
N PHE A 128 35.70 14.40 -9.60
CA PHE A 128 35.24 13.33 -8.72
C PHE A 128 36.39 12.47 -8.25
N ALA A 129 37.22 12.03 -9.19
CA ALA A 129 38.43 11.29 -8.85
C ALA A 129 39.23 12.00 -7.75
N ASP A 130 39.52 13.29 -7.96
CA ASP A 130 40.35 14.05 -7.03
C ASP A 130 39.70 14.15 -5.65
N TRP A 131 38.38 14.35 -5.61
CA TRP A 131 37.60 14.40 -4.37
C TRP A 131 37.60 13.10 -3.58
N GLY A 132 37.82 11.98 -4.27
CA GLY A 132 37.80 10.67 -3.65
C GLY A 132 36.44 10.01 -3.77
N VAL A 133 35.71 10.36 -4.83
CA VAL A 133 34.39 9.78 -5.09
C VAL A 133 34.58 8.34 -5.45
N ASP A 134 33.71 7.47 -4.92
CA ASP A 134 33.81 6.03 -5.14
C ASP A 134 32.77 5.45 -6.10
N LEU A 135 31.76 6.24 -6.45
CA LEU A 135 30.68 5.80 -7.34
C LEU A 135 30.00 6.99 -7.97
N LEU A 136 29.64 6.86 -9.25
CA LEU A 136 28.90 7.90 -9.96
C LEU A 136 27.61 7.37 -10.55
N LYS A 137 26.49 7.94 -10.11
CA LYS A 137 25.22 7.69 -10.76
C LYS A 137 25.08 8.78 -11.79
N PHE A 138 24.88 8.39 -13.05
CA PHE A 138 24.91 9.31 -14.16
C PHE A 138 23.56 9.24 -14.88
N ASP A 139 22.79 10.30 -14.74
CA ASP A 139 21.39 10.34 -15.21
C ASP A 139 21.33 10.82 -16.65
N GLY A 140 20.17 10.69 -17.28
CA GLY A 140 20.03 10.91 -18.73
C GLY A 140 19.11 12.05 -19.11
N CYS A 141 18.88 12.96 -18.17
CA CYS A 141 17.95 14.08 -18.40
C CYS A 141 18.48 15.15 -19.37
N TYR A 142 17.54 15.88 -19.97
CA TYR A 142 17.83 17.02 -20.86
C TYR A 142 18.89 16.70 -21.91
N CYS A 143 18.77 15.51 -22.49
CA CYS A 143 19.66 15.09 -23.56
C CYS A 143 18.89 15.10 -24.90
N ASP A 144 19.41 15.84 -25.87
CA ASP A 144 18.63 16.20 -27.06
C ASP A 144 18.47 15.09 -28.11
N SER A 145 19.44 14.18 -28.18
CA SER A 145 19.36 13.06 -29.11
C SER A 145 19.90 11.78 -28.47
N LEU A 146 19.58 10.63 -29.06
CA LEU A 146 20.05 9.35 -28.55
C LEU A 146 21.48 9.09 -28.96
N GLU A 147 21.91 9.66 -30.08
CA GLU A 147 23.32 9.61 -30.45
C GLU A 147 24.14 10.30 -29.34
N ASN A 148 23.72 11.52 -28.98
CA ASN A 148 24.42 12.27 -27.92
C ASN A 148 24.33 11.60 -26.56
N LEU A 149 23.24 10.87 -26.32
CA LEU A 149 23.06 10.11 -25.10
C LEU A 149 24.07 8.98 -24.97
N ALA A 150 24.21 8.17 -26.02
CA ALA A 150 25.17 7.07 -26.04
C ALA A 150 26.61 7.59 -25.89
N ASP A 151 26.97 8.55 -26.75
CA ASP A 151 28.30 9.15 -26.73
C ASP A 151 28.66 9.68 -25.37
N GLY A 152 27.70 10.33 -24.72
CA GLY A 152 27.94 10.87 -23.40
C GLY A 152 28.23 9.78 -22.38
N TYR A 153 27.41 8.73 -22.37
CA TYR A 153 27.57 7.65 -21.39
C TYR A 153 28.92 6.96 -21.59
N LYS A 154 29.26 6.73 -22.86
CA LYS A 154 30.56 6.17 -23.24
C LYS A 154 31.76 7.05 -22.91
N HIS A 155 31.63 8.35 -23.21
CA HIS A 155 32.70 9.34 -22.96
C HIS A 155 33.00 9.44 -21.47
N MET A 156 31.94 9.49 -20.67
CA MET A 156 32.12 9.57 -19.24
C MET A 156 32.72 8.27 -18.71
N SER A 157 32.37 7.14 -19.33
CA SER A 157 32.93 5.88 -18.88
C SER A 157 34.45 5.93 -19.06
N LEU A 158 34.86 6.24 -20.29
CA LEU A 158 36.28 6.32 -20.62
C LEU A 158 36.99 7.38 -19.78
N ALA A 159 36.31 8.50 -19.56
CA ALA A 159 36.83 9.54 -18.71
C ALA A 159 37.08 9.03 -17.31
N LEU A 160 36.11 8.31 -16.75
CA LEU A 160 36.26 7.80 -15.40
C LEU A 160 37.49 6.90 -15.33
N ASN A 161 37.62 6.05 -16.35
CA ASN A 161 38.72 5.09 -16.47
C ASN A 161 40.08 5.77 -16.52
N ARG A 162 40.19 6.81 -17.33
CA ARG A 162 41.46 7.52 -17.47
C ARG A 162 41.95 8.19 -16.17
N THR A 163 41.06 8.39 -15.19
CA THR A 163 41.49 8.96 -13.92
C THR A 163 42.35 8.00 -13.12
N GLY A 164 42.16 6.70 -13.34
CA GLY A 164 42.89 5.69 -12.61
C GLY A 164 42.26 5.31 -11.29
N ARG A 165 41.17 5.99 -10.89
CA ARG A 165 40.45 5.63 -9.67
C ARG A 165 39.34 4.62 -9.95
N SER A 166 39.20 3.66 -9.04
CA SER A 166 38.06 2.74 -9.05
C SER A 166 36.77 3.47 -8.64
N ILE A 167 35.86 3.61 -9.61
CA ILE A 167 34.59 4.26 -9.39
C ILE A 167 33.49 3.41 -10.02
N VAL A 168 32.50 3.03 -9.23
CA VAL A 168 31.36 2.26 -9.74
C VAL A 168 30.52 3.17 -10.61
N TYR A 169 30.23 2.74 -11.83
CA TYR A 169 29.56 3.59 -12.79
C TYR A 169 28.14 3.10 -13.06
N SER A 170 27.17 3.86 -12.54
CA SER A 170 25.75 3.51 -12.63
C SER A 170 25.06 4.39 -13.68
N CYS A 171 24.52 3.75 -14.70
CA CYS A 171 23.97 4.45 -15.87
C CYS A 171 22.44 4.43 -15.88
N SER A 172 21.84 5.44 -16.48
CA SER A 172 20.39 5.43 -16.74
C SER A 172 20.12 5.34 -18.24
N TRP A 173 21.17 5.03 -18.99
CA TRP A 173 21.18 5.01 -20.45
C TRP A 173 19.98 4.31 -21.07
N PRO A 174 19.81 2.99 -20.86
CA PRO A 174 18.70 2.32 -21.57
C PRO A 174 17.30 2.81 -21.15
N ALA A 175 17.15 3.29 -19.93
CA ALA A 175 15.89 3.91 -19.51
C ALA A 175 15.48 5.06 -20.43
N TYR A 176 16.44 5.88 -20.87
CA TYR A 176 16.14 7.04 -21.74
C TYR A 176 16.12 6.72 -23.23
N MET A 177 16.32 5.46 -23.57
CA MET A 177 16.11 4.98 -24.92
C MET A 177 14.68 4.49 -25.07
N TRP A 178 14.11 4.00 -23.98
CA TRP A 178 12.86 3.24 -23.99
C TRP A 178 11.64 4.16 -24.10
N PRO A 179 10.68 3.82 -24.99
CA PRO A 179 10.68 2.78 -26.02
C PRO A 179 10.93 3.36 -27.43
N PHE A 180 11.97 4.17 -27.56
CA PHE A 180 12.30 4.83 -28.83
C PHE A 180 13.29 4.03 -29.67
N GLN A 181 14.22 3.32 -29.01
CA GLN A 181 15.13 2.37 -29.66
C GLN A 181 15.42 1.16 -28.77
N LYS A 182 15.94 0.09 -29.39
CA LYS A 182 16.24 -1.15 -28.67
C LYS A 182 17.63 -1.09 -28.04
N PRO A 183 17.71 -1.06 -26.72
CA PRO A 183 19.03 -1.06 -26.13
C PRO A 183 19.83 -2.30 -26.55
N ASN A 184 21.11 -2.09 -26.80
CA ASN A 184 22.05 -3.17 -26.98
C ASN A 184 22.83 -3.32 -25.67
N TYR A 185 22.47 -4.30 -24.87
CA TYR A 185 23.07 -4.42 -23.55
C TYR A 185 24.51 -4.91 -23.57
N THR A 186 24.95 -5.51 -24.67
CA THR A 186 26.34 -5.87 -24.83
C THR A 186 27.22 -4.61 -24.88
N GLU A 187 26.78 -3.63 -25.66
CA GLU A 187 27.40 -2.30 -25.72
C GLU A 187 27.34 -1.63 -24.33
N ILE A 188 26.14 -1.58 -23.74
CA ILE A 188 25.92 -0.87 -22.50
C ILE A 188 26.77 -1.43 -21.36
N ARG A 189 26.84 -2.76 -21.28
CA ARG A 189 27.67 -3.45 -20.29
C ARG A 189 29.18 -3.21 -20.45
N GLN A 190 29.62 -3.03 -21.69
CA GLN A 190 31.03 -2.70 -21.91
C GLN A 190 31.40 -1.44 -21.14
N TYR A 191 30.44 -0.53 -20.99
CA TYR A 191 30.70 0.79 -20.42
C TYR A 191 30.18 1.00 -19.00
N CYS A 192 29.22 0.21 -18.53
CA CYS A 192 28.51 0.48 -17.28
C CYS A 192 28.54 -0.70 -16.29
N ASN A 193 28.58 -0.38 -14.99
CA ASN A 193 28.49 -1.37 -13.90
C ASN A 193 27.06 -1.70 -13.55
N HIS A 194 26.18 -0.72 -13.66
CA HIS A 194 24.75 -1.01 -13.77
C HIS A 194 23.95 0.00 -14.54
N TRP A 195 22.73 -0.38 -14.86
CA TRP A 195 21.89 0.41 -15.70
C TRP A 195 20.43 0.34 -15.27
N ARG A 196 19.82 1.52 -15.14
CA ARG A 196 18.38 1.65 -14.94
C ARG A 196 17.68 1.42 -16.26
N ASN A 197 16.64 0.57 -16.25
CA ASN A 197 15.87 0.21 -17.43
C ASN A 197 14.53 0.93 -17.56
N PHE A 198 14.02 1.40 -16.43
CA PHE A 198 12.61 1.76 -16.33
C PHE A 198 12.39 3.04 -15.52
N ALA A 199 11.11 3.42 -15.43
CA ALA A 199 10.65 4.63 -14.75
C ALA A 199 11.03 4.65 -13.27
N ASP A 200 11.14 5.87 -12.74
CA ASP A 200 11.48 6.10 -11.34
C ASP A 200 10.53 5.39 -10.36
N ILE A 201 11.11 4.65 -9.42
CA ILE A 201 10.32 4.10 -8.35
C ILE A 201 9.80 5.23 -7.46
N ASP A 202 8.64 5.00 -6.83
CA ASP A 202 8.19 5.85 -5.71
C ASP A 202 7.71 4.96 -4.56
N ASP A 203 7.12 5.57 -3.54
CA ASP A 203 6.83 4.85 -2.31
C ASP A 203 5.44 4.21 -2.41
N SER A 204 5.25 3.36 -3.42
CA SER A 204 3.93 2.81 -3.67
C SER A 204 3.97 1.37 -4.18
N TRP A 205 2.87 0.66 -3.93
CA TRP A 205 2.72 -0.72 -4.38
C TRP A 205 2.45 -0.71 -5.89
N LYS A 206 1.72 0.29 -6.39
CA LYS A 206 1.58 0.46 -7.83
C LYS A 206 2.97 0.49 -8.50
N SER A 207 3.91 1.16 -7.85
CA SER A 207 5.23 1.33 -8.44
C SER A 207 5.98 0.00 -8.47
N ILE A 208 5.97 -0.71 -7.35
CA ILE A 208 6.64 -2.00 -7.27
C ILE A 208 6.06 -3.01 -8.27
N LYS A 209 4.73 -3.09 -8.32
CA LYS A 209 4.03 -3.95 -9.27
C LYS A 209 4.48 -3.63 -10.68
N SER A 210 4.57 -2.35 -10.97
CA SER A 210 4.82 -1.88 -12.32
C SER A 210 6.25 -2.22 -12.72
N ILE A 211 7.16 -2.20 -11.75
CA ILE A 211 8.55 -2.57 -12.02
C ILE A 211 8.67 -4.08 -12.22
N LEU A 212 7.93 -4.87 -11.45
CA LEU A 212 8.02 -6.32 -11.57
C LEU A 212 7.40 -6.75 -12.88
N ASP A 213 6.24 -6.17 -13.19
CA ASP A 213 5.53 -6.51 -14.42
C ASP A 213 6.34 -6.11 -15.63
N TRP A 214 7.00 -4.96 -15.56
CA TRP A 214 7.83 -4.51 -16.66
C TRP A 214 9.02 -5.45 -16.88
N THR A 215 9.66 -5.85 -15.77
CA THR A 215 10.80 -6.76 -15.80
C THR A 215 10.43 -8.13 -16.35
N SER A 216 9.31 -8.69 -15.92
CA SER A 216 8.93 -10.01 -16.37
C SER A 216 8.47 -9.96 -17.83
N PHE A 217 7.83 -8.86 -18.21
CA PHE A 217 7.42 -8.68 -19.59
C PHE A 217 8.66 -8.65 -20.49
N ASN A 218 9.75 -8.10 -19.98
CA ASN A 218 10.96 -7.86 -20.76
C ASN A 218 12.12 -8.79 -20.39
N GLN A 219 11.86 -9.86 -19.66
CA GLN A 219 12.95 -10.67 -19.09
C GLN A 219 13.77 -11.38 -20.16
N GLU A 220 13.10 -11.81 -21.23
CA GLU A 220 13.77 -12.47 -22.35
C GLU A 220 14.86 -11.59 -22.97
N ARG A 221 14.70 -10.28 -22.81
CA ARG A 221 15.59 -9.29 -23.39
C ARG A 221 16.74 -8.88 -22.48
N ILE A 222 16.51 -8.88 -21.17
CA ILE A 222 17.46 -8.29 -20.22
C ILE A 222 18.06 -9.21 -19.15
N VAL A 223 17.50 -10.40 -18.98
CA VAL A 223 17.97 -11.30 -17.90
C VAL A 223 19.37 -11.92 -18.15
N ASP A 224 19.63 -12.36 -19.37
CA ASP A 224 20.87 -13.06 -19.69
C ASP A 224 22.08 -12.15 -19.65
N VAL A 225 21.88 -10.88 -19.96
CA VAL A 225 22.99 -9.95 -20.06
C VAL A 225 23.58 -9.56 -18.71
N ALA A 226 22.83 -9.75 -17.63
CA ALA A 226 23.31 -9.37 -16.30
C ALA A 226 24.28 -10.39 -15.70
N GLY A 227 25.20 -9.91 -14.88
CA GLY A 227 26.17 -10.76 -14.22
C GLY A 227 27.19 -9.96 -13.43
N PRO A 228 28.24 -10.61 -12.95
CA PRO A 228 29.27 -9.86 -12.23
C PRO A 228 29.77 -8.66 -13.04
N GLY A 229 29.79 -7.49 -12.40
CA GLY A 229 30.23 -6.24 -13.02
C GLY A 229 29.28 -5.53 -13.97
N GLY A 230 28.07 -6.08 -14.16
CA GLY A 230 27.05 -5.47 -15.02
C GLY A 230 25.66 -5.93 -14.65
N TRP A 231 24.87 -5.05 -14.07
CA TRP A 231 23.57 -5.42 -13.51
C TRP A 231 22.40 -4.58 -14.01
N ASN A 232 21.23 -5.20 -14.00
CA ASN A 232 19.96 -4.49 -14.15
C ASN A 232 19.61 -3.79 -12.84
N ASP A 233 19.32 -2.50 -12.96
CA ASP A 233 18.92 -1.68 -11.82
C ASP A 233 17.43 -1.37 -11.92
N PRO A 234 16.61 -1.97 -11.04
CA PRO A 234 15.19 -1.68 -10.97
C PRO A 234 14.88 -0.58 -9.95
N ASP A 235 15.92 0.11 -9.50
CA ASP A 235 15.81 1.29 -8.66
C ASP A 235 15.70 0.92 -7.17
N MET A 236 15.55 1.93 -6.33
CA MET A 236 15.76 1.83 -4.88
C MET A 236 14.80 0.90 -4.12
N LEU A 237 15.26 0.41 -2.97
CA LEU A 237 14.40 -0.17 -1.96
C LEU A 237 13.72 0.99 -1.23
N VAL A 238 12.41 0.89 -1.03
CA VAL A 238 11.66 1.94 -0.33
C VAL A 238 11.09 1.38 0.96
N ILE A 239 11.65 0.25 1.39
CA ILE A 239 11.28 -0.39 2.64
C ILE A 239 11.56 0.54 3.81
N GLY A 240 10.67 0.56 4.78
CA GLY A 240 10.87 1.33 6.00
C GLY A 240 10.31 2.73 5.93
N ASN A 241 9.77 3.11 4.76
CA ASN A 241 9.17 4.42 4.56
C ASN A 241 7.66 4.46 4.95
N PHE A 242 6.75 4.80 4.02
CA PHE A 242 5.36 5.15 4.39
C PHE A 242 4.27 4.47 3.63
N GLY A 243 4.51 4.12 2.36
CA GLY A 243 3.42 3.76 1.45
C GLY A 243 3.27 2.30 1.07
N LEU A 244 4.08 1.42 1.65
CA LEU A 244 3.92 -0.02 1.44
C LEU A 244 3.49 -0.71 2.73
N SER A 245 2.59 -1.69 2.60
CA SER A 245 2.27 -2.53 3.73
C SER A 245 3.43 -3.50 4.01
N TRP A 246 3.42 -4.11 5.18
CA TRP A 246 4.50 -5.04 5.56
C TRP A 246 4.66 -6.16 4.52
N ASN A 247 3.57 -6.71 4.05
CA ASN A 247 3.63 -7.75 3.03
C ASN A 247 4.25 -7.29 1.72
N GLN A 248 4.03 -6.02 1.39
CA GLN A 248 4.54 -5.43 0.15
C GLN A 248 6.03 -5.10 0.31
N GLN A 249 6.46 -4.81 1.54
CA GLN A 249 7.87 -4.61 1.80
C GLN A 249 8.63 -5.94 1.57
N VAL A 250 8.09 -7.02 2.12
CA VAL A 250 8.67 -8.35 1.94
C VAL A 250 8.72 -8.71 0.45
N THR A 251 7.63 -8.49 -0.26
CA THR A 251 7.66 -8.75 -1.69
C THR A 251 8.85 -8.05 -2.33
N GLN A 252 9.10 -6.80 -1.96
CA GLN A 252 10.18 -6.04 -2.62
C GLN A 252 11.53 -6.64 -2.29
N MET A 253 11.76 -6.92 -1.01
CA MET A 253 13.05 -7.47 -0.57
C MET A 253 13.28 -8.84 -1.19
N ALA A 254 12.25 -9.68 -1.20
CA ALA A 254 12.35 -10.98 -1.84
C ALA A 254 12.69 -10.85 -3.32
N LEU A 255 11.97 -9.99 -4.04
CA LEU A 255 12.11 -9.93 -5.51
C LEU A 255 13.37 -9.17 -5.95
N TRP A 256 13.83 -8.23 -5.13
CA TRP A 256 15.09 -7.58 -5.43
C TRP A 256 16.24 -8.59 -5.28
N ALA A 257 16.11 -9.53 -4.35
CA ALA A 257 17.12 -10.60 -4.22
C ALA A 257 17.06 -11.53 -5.42
N ILE A 258 15.85 -11.93 -5.79
CA ILE A 258 15.67 -12.76 -6.98
C ILE A 258 16.25 -12.11 -8.22
N MET A 259 16.12 -10.79 -8.35
CA MET A 259 16.48 -10.08 -9.59
C MET A 259 17.97 -9.74 -9.72
N ALA A 260 18.73 -9.97 -8.65
CA ALA A 260 20.15 -9.58 -8.61
C ALA A 260 20.26 -8.08 -8.86
N ALA A 261 19.36 -7.34 -8.24
CA ALA A 261 19.37 -5.90 -8.31
C ALA A 261 20.41 -5.35 -7.34
N PRO A 262 20.98 -4.18 -7.67
CA PRO A 262 21.71 -3.46 -6.63
C PRO A 262 20.73 -3.07 -5.54
N LEU A 263 21.20 -3.02 -4.30
CA LEU A 263 20.35 -2.75 -3.16
C LEU A 263 20.65 -1.40 -2.56
N PHE A 264 20.03 -0.37 -3.13
CA PHE A 264 20.15 0.96 -2.57
C PHE A 264 18.92 1.35 -1.76
N MET A 265 19.07 1.33 -0.43
CA MET A 265 18.07 1.82 0.49
C MET A 265 17.85 3.32 0.24
N SER A 266 16.60 3.75 0.31
CA SER A 266 16.31 5.17 0.40
C SER A 266 15.32 5.30 1.52
N ASN A 267 15.81 5.70 2.68
CA ASN A 267 14.98 5.84 3.85
C ASN A 267 15.68 6.73 4.85
N ASP A 268 15.06 6.95 6.00
CA ASP A 268 15.71 7.71 7.05
C ASP A 268 16.25 6.74 8.07
N LEU A 269 17.56 6.52 8.06
CA LEU A 269 18.17 5.61 9.03
C LEU A 269 18.02 6.08 10.48
N ARG A 270 17.72 7.36 10.70
CA ARG A 270 17.54 7.89 12.07
C ARG A 270 16.18 7.48 12.60
N HIS A 271 15.25 7.17 11.70
CA HIS A 271 13.90 6.82 12.08
C HIS A 271 13.38 5.64 11.26
N ILE A 272 13.86 4.44 11.60
CA ILE A 272 13.46 3.22 10.90
C ILE A 272 13.05 2.15 11.93
N SER A 273 11.91 1.51 11.67
CA SER A 273 11.37 0.51 12.58
C SER A 273 12.22 -0.75 12.63
N PRO A 274 12.30 -1.38 13.83
CA PRO A 274 13.07 -2.61 14.01
C PRO A 274 12.75 -3.71 13.00
N GLN A 275 11.49 -3.80 12.60
CA GLN A 275 11.04 -4.80 11.62
C GLN A 275 11.64 -4.55 10.23
N ALA A 276 11.60 -3.30 9.78
CA ALA A 276 12.19 -2.93 8.49
C ALA A 276 13.71 -3.09 8.54
N LYS A 277 14.30 -2.75 9.69
CA LYS A 277 15.73 -2.93 9.87
C LYS A 277 16.07 -4.41 9.70
N ALA A 278 15.31 -5.26 10.38
CA ALA A 278 15.47 -6.71 10.34
C ALA A 278 15.38 -7.25 8.92
N LEU A 279 14.37 -6.82 8.17
CA LEU A 279 14.17 -7.32 6.81
C LEU A 279 15.33 -6.90 5.90
N LEU A 280 15.73 -5.64 6.00
CA LEU A 280 16.80 -5.12 5.15
C LEU A 280 18.16 -5.67 5.52
N GLN A 281 18.31 -6.09 6.77
CA GLN A 281 19.56 -6.70 7.22
C GLN A 281 19.47 -8.22 7.23
N ASP A 282 18.44 -8.79 6.60
CA ASP A 282 18.27 -10.23 6.60
C ASP A 282 19.42 -10.90 5.86
N LYS A 283 20.26 -11.61 6.63
CA LYS A 283 21.50 -12.21 6.15
C LYS A 283 21.29 -13.21 5.03
N ASP A 284 20.31 -14.10 5.22
CA ASP A 284 20.04 -15.14 4.23
C ASP A 284 19.52 -14.55 2.93
N VAL A 285 18.68 -13.53 3.03
CA VAL A 285 18.08 -12.91 1.84
C VAL A 285 19.13 -12.08 1.08
N ILE A 286 19.96 -11.35 1.82
CA ILE A 286 21.07 -10.63 1.21
C ILE A 286 22.06 -11.59 0.55
N ALA A 287 22.33 -12.70 1.23
CA ALA A 287 23.17 -13.76 0.66
C ALA A 287 22.67 -14.24 -0.71
N ILE A 288 21.36 -14.38 -0.87
CA ILE A 288 20.78 -14.70 -2.18
C ILE A 288 21.10 -13.62 -3.19
N ASN A 289 20.83 -12.37 -2.83
CA ASN A 289 21.14 -11.25 -3.71
C ASN A 289 22.62 -11.20 -4.07
N GLN A 290 23.46 -11.46 -3.06
CA GLN A 290 24.92 -11.39 -3.24
C GLN A 290 25.56 -12.71 -3.70
N ASP A 291 24.78 -13.60 -4.30
CA ASP A 291 25.30 -14.86 -4.76
C ASP A 291 26.40 -14.61 -5.78
N PRO A 292 27.58 -15.24 -5.60
CA PRO A 292 28.76 -15.02 -6.45
C PRO A 292 28.56 -15.38 -7.93
N LEU A 293 27.60 -16.25 -8.20
CA LEU A 293 27.34 -16.65 -9.56
C LEU A 293 26.73 -15.50 -10.38
N GLY A 294 25.97 -14.64 -9.71
CA GLY A 294 25.31 -13.50 -10.35
C GLY A 294 24.41 -13.84 -11.54
N LYS A 295 23.63 -14.89 -11.43
CA LYS A 295 22.64 -15.19 -12.46
C LYS A 295 21.30 -14.60 -12.02
N GLN A 296 20.77 -13.68 -12.82
CA GLN A 296 19.55 -12.97 -12.45
C GLN A 296 18.34 -13.90 -12.57
N GLY A 297 17.43 -13.82 -11.60
CA GLY A 297 16.19 -14.58 -11.64
C GLY A 297 15.22 -14.17 -12.75
N TYR A 298 14.05 -14.79 -12.76
CA TYR A 298 13.08 -14.54 -13.80
C TYR A 298 11.72 -15.08 -13.36
N GLN A 299 10.67 -14.69 -14.05
CA GLN A 299 9.34 -15.22 -13.78
C GLN A 299 9.18 -16.56 -14.51
N LEU A 300 8.90 -17.59 -13.72
CA LEU A 300 8.70 -18.94 -14.24
C LEU A 300 7.26 -19.10 -14.72
N ARG A 301 6.31 -18.68 -13.91
CA ARG A 301 4.91 -18.65 -14.37
C ARG A 301 4.04 -17.63 -13.70
N GLN A 302 2.97 -17.26 -14.41
CA GLN A 302 1.89 -16.47 -13.88
C GLN A 302 0.56 -17.10 -14.27
N GLY A 303 -0.42 -16.98 -13.38
CA GLY A 303 -1.75 -17.51 -13.59
C GLY A 303 -2.51 -17.47 -12.27
N ASP A 304 -3.81 -17.18 -12.37
CA ASP A 304 -4.71 -17.21 -11.23
C ASP A 304 -4.31 -16.17 -10.17
N ASN A 305 -3.79 -15.04 -10.63
CA ASN A 305 -3.20 -14.02 -9.76
C ASN A 305 -2.07 -14.51 -8.86
N PHE A 306 -1.34 -15.51 -9.34
CA PHE A 306 -0.12 -15.93 -8.68
C PHE A 306 1.03 -15.68 -9.63
N GLU A 307 2.20 -15.48 -9.04
CA GLU A 307 3.44 -15.40 -9.79
C GLU A 307 4.48 -16.28 -9.15
N VAL A 308 5.21 -17.04 -9.98
CA VAL A 308 6.36 -17.78 -9.51
C VAL A 308 7.60 -17.28 -10.22
N TRP A 309 8.56 -16.82 -9.43
CA TRP A 309 9.88 -16.42 -9.92
C TRP A 309 10.92 -17.35 -9.31
N GLU A 310 12.03 -17.55 -10.02
CA GLU A 310 13.12 -18.38 -9.50
C GLU A 310 14.48 -17.85 -9.94
N ARG A 311 15.48 -18.05 -9.08
CA ARG A 311 16.85 -17.67 -9.40
C ARG A 311 17.83 -18.83 -9.12
N PRO A 312 18.68 -19.14 -10.12
CA PRO A 312 19.71 -20.14 -9.94
C PRO A 312 20.86 -19.58 -9.13
N LEU A 313 21.21 -20.27 -8.04
CA LEU A 313 22.27 -19.84 -7.16
C LEU A 313 23.49 -20.73 -7.34
N SER A 314 24.54 -20.45 -6.59
CA SER A 314 25.75 -21.26 -6.57
C SER A 314 25.55 -22.44 -5.62
N GLY A 315 26.39 -23.46 -5.74
CA GLY A 315 26.29 -24.64 -4.88
C GLY A 315 25.07 -25.49 -5.20
N LEU A 316 24.66 -25.48 -6.47
CA LEU A 316 23.47 -26.21 -6.95
C LEU A 316 22.18 -25.84 -6.21
N ALA A 317 22.09 -24.62 -5.72
CA ALA A 317 20.91 -24.16 -5.00
C ALA A 317 20.07 -23.25 -5.89
N TRP A 318 18.82 -23.07 -5.47
CA TRP A 318 17.91 -22.15 -6.15
C TRP A 318 17.12 -21.35 -5.12
N ALA A 319 16.82 -20.11 -5.46
CA ALA A 319 15.84 -19.35 -4.69
C ALA A 319 14.56 -19.30 -5.51
N VAL A 320 13.43 -19.46 -4.85
CA VAL A 320 12.14 -19.44 -5.52
C VAL A 320 11.22 -18.50 -4.76
N ALA A 321 10.48 -17.68 -5.50
CA ALA A 321 9.54 -16.74 -4.90
C ALA A 321 8.15 -16.89 -5.50
N MET A 322 7.17 -16.94 -4.61
CA MET A 322 5.77 -17.06 -4.98
C MET A 322 5.01 -15.82 -4.46
N ILE A 323 4.42 -15.06 -5.38
CA ILE A 323 3.71 -13.83 -5.02
C ILE A 323 2.22 -14.03 -5.19
N ASN A 324 1.44 -13.54 -4.22
CA ASN A 324 -0.03 -13.48 -4.36
C ASN A 324 -0.46 -12.07 -4.77
N ARG A 325 -0.92 -11.94 -6.01
CA ARG A 325 -1.31 -10.65 -6.57
C ARG A 325 -2.78 -10.31 -6.33
N GLN A 326 -3.55 -11.21 -5.75
CA GLN A 326 -4.94 -10.91 -5.39
C GLN A 326 -4.94 -9.95 -4.21
N GLU A 327 -5.60 -8.80 -4.37
CA GLU A 327 -5.57 -7.76 -3.33
C GLU A 327 -6.91 -7.69 -2.61
N ILE A 328 -7.44 -8.86 -2.33
CA ILE A 328 -8.68 -9.02 -1.61
C ILE A 328 -8.68 -10.41 -0.98
N GLY A 329 -9.42 -10.59 0.11
CA GLY A 329 -9.46 -11.89 0.78
C GLY A 329 -8.27 -12.10 1.68
N GLY A 330 -7.97 -13.36 1.96
CA GLY A 330 -6.96 -13.72 2.94
C GLY A 330 -5.84 -14.48 2.28
N PRO A 331 -5.00 -15.14 3.08
CA PRO A 331 -3.90 -15.96 2.57
C PRO A 331 -4.43 -17.05 1.67
N ARG A 332 -3.73 -17.27 0.56
CA ARG A 332 -4.21 -18.13 -0.50
C ARG A 332 -3.27 -19.32 -0.66
N SER A 333 -3.86 -20.48 -0.93
CA SER A 333 -3.11 -21.71 -1.08
C SER A 333 -2.50 -21.78 -2.47
N TYR A 334 -1.20 -22.02 -2.55
CA TYR A 334 -0.54 -22.31 -3.83
C TYR A 334 0.23 -23.62 -3.74
N THR A 335 0.10 -24.43 -4.78
CA THR A 335 0.70 -25.74 -4.83
C THR A 335 1.46 -25.90 -6.14
N ILE A 336 2.73 -26.29 -6.04
CA ILE A 336 3.53 -26.51 -7.24
C ILE A 336 4.34 -27.81 -7.13
N ALA A 337 4.48 -28.49 -8.26
CA ALA A 337 5.35 -29.64 -8.37
C ALA A 337 6.79 -29.15 -8.32
N VAL A 338 7.56 -29.66 -7.38
CA VAL A 338 8.99 -29.31 -7.31
C VAL A 338 9.77 -29.71 -8.58
N ALA A 339 9.22 -30.62 -9.38
CA ALA A 339 9.82 -30.98 -10.67
C ALA A 339 9.75 -29.86 -11.71
N SER A 340 8.93 -28.85 -11.47
CA SER A 340 8.78 -27.71 -12.38
C SER A 340 9.80 -26.60 -12.08
N LEU A 341 10.35 -26.64 -10.88
CA LEU A 341 11.27 -25.65 -10.35
C LEU A 341 12.69 -26.01 -10.73
N GLY A 342 13.52 -24.99 -10.93
CA GLY A 342 14.93 -25.20 -11.23
C GLY A 342 15.19 -25.96 -12.52
N LYS A 343 14.39 -25.68 -13.55
CA LYS A 343 14.53 -26.30 -14.86
C LYS A 343 14.55 -27.82 -14.80
N GLY A 344 13.84 -28.36 -13.82
CA GLY A 344 13.78 -29.81 -13.61
C GLY A 344 14.79 -30.35 -12.62
N VAL A 345 15.90 -29.64 -12.41
CA VAL A 345 17.07 -30.24 -11.77
C VAL A 345 17.28 -29.84 -10.31
N ALA A 346 16.55 -28.85 -9.82
CA ALA A 346 16.76 -28.36 -8.45
C ALA A 346 16.51 -29.46 -7.41
N CYS A 347 15.54 -30.32 -7.68
CA CYS A 347 15.08 -31.33 -6.72
C CYS A 347 15.16 -32.74 -7.26
N ASN A 348 16.04 -32.95 -8.22
CA ASN A 348 16.37 -34.27 -8.71
C ASN A 348 17.69 -34.66 -8.07
N PRO A 349 17.72 -35.77 -7.30
CA PRO A 349 16.64 -36.68 -6.97
C PRO A 349 15.74 -36.12 -5.87
N ALA A 350 16.27 -35.19 -5.09
CA ALA A 350 15.52 -34.54 -4.04
C ALA A 350 16.18 -33.20 -3.71
N CYS A 351 15.51 -32.39 -2.91
CA CYS A 351 16.08 -31.13 -2.43
C CYS A 351 15.60 -30.86 -1.01
N PHE A 352 16.35 -30.06 -0.27
CA PHE A 352 15.88 -29.55 1.01
C PHE A 352 15.39 -28.10 0.87
N ILE A 353 14.19 -27.83 1.38
CA ILE A 353 13.56 -26.53 1.21
C ILE A 353 13.47 -25.76 2.52
N THR A 354 14.00 -24.55 2.51
CA THR A 354 13.92 -23.64 3.64
C THR A 354 13.14 -22.40 3.24
N GLN A 355 12.13 -22.06 4.04
CA GLN A 355 11.46 -20.79 3.89
C GLN A 355 12.30 -19.73 4.55
N LEU A 356 12.58 -18.65 3.82
CA LEU A 356 13.32 -17.52 4.34
C LEU A 356 12.38 -16.38 4.67
N LEU A 357 11.45 -16.08 3.75
CA LEU A 357 10.44 -15.04 3.98
C LEU A 357 9.04 -15.60 3.74
N PRO A 358 8.03 -15.09 4.48
CA PRO A 358 8.06 -13.97 5.40
C PRO A 358 8.67 -14.28 6.76
N VAL A 359 8.74 -15.54 7.16
CA VAL A 359 9.51 -15.94 8.34
C VAL A 359 10.47 -17.06 7.95
N LYS A 360 11.53 -17.24 8.72
CA LYS A 360 12.48 -18.32 8.46
C LYS A 360 12.00 -19.60 9.12
N ARG A 361 12.01 -20.69 8.36
CA ARG A 361 11.50 -21.96 8.82
C ARG A 361 11.90 -23.07 7.86
N LYS A 362 12.50 -24.13 8.41
CA LYS A 362 12.89 -25.29 7.62
C LYS A 362 11.65 -26.09 7.24
N LEU A 363 11.55 -26.47 5.96
CA LEU A 363 10.36 -27.22 5.49
C LEU A 363 10.60 -28.72 5.36
N GLY A 364 11.83 -29.11 5.03
CA GLY A 364 12.19 -30.53 4.94
C GLY A 364 12.64 -30.98 3.56
N PHE A 365 12.81 -32.28 3.41
CA PHE A 365 13.23 -32.87 2.14
C PHE A 365 12.03 -33.06 1.23
N TYR A 366 12.22 -32.75 -0.05
CA TYR A 366 11.20 -32.91 -1.07
C TYR A 366 11.80 -33.73 -2.20
N GLU A 367 11.17 -34.86 -2.51
CA GLU A 367 11.65 -35.73 -3.58
C GLU A 367 11.16 -35.19 -4.91
N TRP A 368 11.84 -35.55 -5.99
CA TRP A 368 11.52 -35.04 -7.32
C TRP A 368 10.02 -35.07 -7.66
N THR A 369 9.32 -36.16 -7.31
CA THR A 369 7.94 -36.39 -7.74
C THR A 369 6.87 -35.67 -6.90
N SER A 370 7.29 -35.00 -5.83
CA SER A 370 6.37 -34.42 -4.86
C SER A 370 5.93 -32.97 -5.17
N ARG A 371 5.07 -32.43 -4.30
CA ARG A 371 4.46 -31.11 -4.49
C ARG A 371 4.69 -30.22 -3.28
N LEU A 372 4.88 -28.93 -3.51
CA LEU A 372 5.02 -27.93 -2.44
C LEU A 372 3.71 -27.14 -2.28
N ARG A 373 3.27 -26.99 -1.03
CA ARG A 373 2.06 -26.26 -0.71
C ARG A 373 2.40 -25.09 0.21
N SER A 374 2.08 -23.87 -0.22
CA SER A 374 2.27 -22.70 0.61
C SER A 374 0.99 -21.88 0.67
N HIS A 375 0.89 -21.08 1.73
CA HIS A 375 -0.13 -20.06 1.87
C HIS A 375 0.51 -18.68 1.76
N ILE A 376 0.05 -17.89 0.80
CA ILE A 376 0.66 -16.61 0.53
C ILE A 376 -0.33 -15.46 0.80
N ASN A 377 0.08 -14.54 1.66
CA ASN A 377 -0.71 -13.35 1.94
C ASN A 377 -0.93 -12.51 0.70
N PRO A 378 -2.07 -11.80 0.63
CA PRO A 378 -2.33 -10.79 -0.38
C PRO A 378 -1.23 -9.73 -0.50
N THR A 379 -0.69 -9.56 -1.71
CA THR A 379 0.43 -8.66 -2.01
C THR A 379 1.75 -9.08 -1.33
N GLY A 380 1.75 -10.26 -0.72
CA GLY A 380 2.88 -10.78 0.00
C GLY A 380 3.60 -11.80 -0.85
N THR A 381 4.71 -12.28 -0.31
CA THR A 381 5.57 -13.20 -1.02
C THR A 381 6.14 -14.21 -0.03
N VAL A 382 6.18 -15.48 -0.45
CA VAL A 382 6.96 -16.48 0.28
C VAL A 382 8.26 -16.68 -0.49
N LEU A 383 9.38 -16.61 0.22
CA LEU A 383 10.70 -16.85 -0.40
C LEU A 383 11.30 -18.13 0.12
N LEU A 384 11.66 -19.02 -0.81
CA LEU A 384 12.17 -20.34 -0.47
C LEU A 384 13.55 -20.53 -1.06
N GLN A 385 14.40 -21.27 -0.35
CA GLN A 385 15.70 -21.68 -0.87
C GLN A 385 15.74 -23.22 -0.99
N LEU A 386 16.08 -23.68 -2.19
CA LEU A 386 16.11 -25.09 -2.52
C LEU A 386 17.55 -25.54 -2.62
N GLU A 387 17.88 -26.61 -1.90
CA GLU A 387 19.23 -27.13 -1.80
C GLU A 387 19.21 -28.56 -2.34
N ASN A 388 19.86 -28.79 -3.48
CA ASN A 388 19.92 -30.13 -4.05
C ASN A 388 20.74 -31.08 -3.17
N THR A 389 20.33 -32.35 -3.10
CA THR A 389 21.01 -33.34 -2.26
C THR A 389 22.25 -33.99 -2.91
N MET A 390 22.59 -33.58 -4.13
CA MET A 390 23.83 -34.03 -4.78
C MET A 390 25.10 -33.45 -4.12
N GLN A 391 24.93 -32.63 -3.08
CA GLN A 391 26.05 -32.24 -2.23
C GLN A 391 25.59 -31.79 -0.84
N LEU B 1 -34.48 6.37 5.81
CA LEU B 1 -35.63 5.45 6.12
C LEU B 1 -36.08 5.72 7.55
N ASP B 2 -37.36 6.05 7.71
CA ASP B 2 -37.90 6.52 8.99
C ASP B 2 -38.34 5.36 9.89
N ASN B 3 -37.42 4.46 10.21
CA ASN B 3 -37.75 3.30 11.01
C ASN B 3 -37.19 3.35 12.42
N GLY B 4 -36.57 4.48 12.78
CA GLY B 4 -35.98 4.66 14.11
C GLY B 4 -34.56 4.15 14.27
N LEU B 5 -34.02 3.54 13.23
CA LEU B 5 -32.70 2.93 13.30
C LEU B 5 -31.65 3.81 12.62
N ALA B 6 -30.38 3.49 12.84
CA ALA B 6 -29.28 4.20 12.20
C ALA B 6 -29.36 5.71 12.40
N ARG B 7 -29.62 6.13 13.64
CA ARG B 7 -29.63 7.55 13.99
C ARG B 7 -28.22 8.14 13.95
N THR B 8 -27.25 7.29 14.19
CA THR B 8 -25.85 7.54 13.88
C THR B 8 -25.47 6.39 12.97
N PRO B 9 -24.36 6.49 12.23
CA PRO B 9 -24.03 5.40 11.30
C PRO B 9 -23.80 4.05 12.02
N THR B 10 -24.21 2.99 11.35
CA THR B 10 -24.17 1.64 11.92
C THR B 10 -22.74 1.19 11.99
N MET B 11 -22.38 0.51 13.09
CA MET B 11 -21.05 -0.03 13.26
C MET B 11 -21.14 -1.54 13.44
N GLY B 12 -20.27 -2.27 12.78
CA GLY B 12 -20.22 -3.71 12.98
C GLY B 12 -19.09 -4.40 12.27
N TRP B 13 -19.25 -5.70 12.09
CA TRP B 13 -18.27 -6.52 11.41
C TRP B 13 -18.96 -7.22 10.25
N LEU B 14 -18.28 -7.32 9.12
CA LEU B 14 -18.82 -7.94 7.89
C LEU B 14 -17.75 -8.81 7.24
N HIS B 15 -18.09 -10.06 6.94
CA HIS B 15 -17.10 -11.04 6.54
C HIS B 15 -16.46 -10.85 5.16
N TRP B 16 -17.16 -10.17 4.25
CA TRP B 16 -16.89 -10.36 2.82
C TRP B 16 -15.44 -10.13 2.41
N GLU B 17 -14.93 -8.91 2.60
CA GLU B 17 -13.64 -8.56 2.04
C GLU B 17 -12.52 -9.52 2.48
N ARG B 18 -12.48 -9.85 3.77
CA ARG B 18 -11.42 -10.70 4.31
C ARG B 18 -11.65 -12.18 4.07
N PHE B 19 -12.90 -12.66 4.13
CA PHE B 19 -13.17 -14.10 4.00
C PHE B 19 -13.85 -14.55 2.71
N MET B 20 -14.54 -13.63 2.05
CA MET B 20 -15.10 -13.83 0.71
C MET B 20 -16.07 -15.01 0.64
N CYS B 21 -15.97 -15.82 -0.42
CA CYS B 21 -16.87 -16.93 -0.63
C CYS B 21 -16.12 -18.24 -0.53
N ASN B 22 -15.52 -18.47 0.63
CA ASN B 22 -14.72 -19.66 0.83
C ASN B 22 -15.61 -20.78 1.33
N LEU B 23 -15.98 -21.69 0.45
CA LEU B 23 -16.87 -22.80 0.82
C LEU B 23 -16.12 -24.09 1.22
N ASP B 24 -14.79 -24.06 1.27
CA ASP B 24 -13.98 -25.27 1.41
C ASP B 24 -13.58 -25.52 2.87
N CYS B 25 -14.48 -26.10 3.66
CA CYS B 25 -14.19 -26.40 5.06
C CYS B 25 -13.43 -27.71 5.24
N GLN B 26 -13.20 -28.43 4.15
CA GLN B 26 -12.28 -29.57 4.13
C GLN B 26 -10.87 -29.09 4.42
N GLU B 27 -10.34 -28.28 3.51
CA GLU B 27 -8.94 -27.84 3.55
C GLU B 27 -8.71 -26.63 4.44
N GLU B 28 -9.70 -25.74 4.51
CA GLU B 28 -9.56 -24.49 5.24
C GLU B 28 -10.74 -24.30 6.18
N PRO B 29 -10.83 -25.17 7.21
CA PRO B 29 -11.95 -25.13 8.14
C PRO B 29 -12.01 -23.86 9.01
N ASP B 30 -10.88 -23.20 9.23
CA ASP B 30 -10.89 -22.02 10.10
C ASP B 30 -11.15 -20.71 9.36
N SER B 31 -11.26 -20.77 8.04
CA SER B 31 -11.54 -19.57 7.26
C SER B 31 -12.71 -19.69 6.31
N CYS B 32 -13.36 -20.86 6.24
CA CYS B 32 -14.53 -21.02 5.37
C CYS B 32 -15.75 -20.36 6.00
N ILE B 33 -16.73 -20.02 5.16
CA ILE B 33 -17.93 -19.35 5.65
C ILE B 33 -18.84 -20.35 6.35
N SER B 34 -18.81 -20.32 7.67
CA SER B 34 -19.48 -21.33 8.49
C SER B 34 -20.03 -20.70 9.77
N GLU B 35 -20.89 -21.42 10.46
CA GLU B 35 -21.45 -20.90 11.71
C GLU B 35 -20.37 -20.67 12.77
N LYS B 36 -19.35 -21.52 12.80
CA LYS B 36 -18.29 -21.43 13.80
C LYS B 36 -17.53 -20.12 13.64
N LEU B 37 -17.26 -19.75 12.38
CA LEU B 37 -16.59 -18.50 12.08
C LEU B 37 -17.29 -17.29 12.70
N PHE B 38 -18.61 -17.23 12.58
CA PHE B 38 -19.37 -16.12 13.13
C PHE B 38 -19.51 -16.19 14.65
N MET B 39 -19.54 -17.40 15.20
CA MET B 39 -19.61 -17.57 16.66
C MET B 39 -18.32 -17.09 17.32
N GLU B 40 -17.18 -17.43 16.72
CA GLU B 40 -15.87 -16.97 17.21
C GLU B 40 -15.79 -15.44 17.16
N MET B 41 -16.07 -14.87 16.00
CA MET B 41 -16.08 -13.40 15.86
C MET B 41 -16.98 -12.78 16.94
N ALA B 42 -18.16 -13.36 17.13
CA ALA B 42 -19.07 -12.90 18.13
C ALA B 42 -18.45 -12.94 19.55
N GLU B 43 -17.79 -14.04 19.89
CA GLU B 43 -17.12 -14.17 21.19
C GLU B 43 -16.08 -13.06 21.36
N LEU B 44 -15.30 -12.84 20.29
CA LEU B 44 -14.22 -11.84 20.31
C LEU B 44 -14.72 -10.41 20.31
N MET B 45 -15.85 -10.15 19.66
CA MET B 45 -16.43 -8.82 19.68
C MET B 45 -16.68 -8.39 21.12
N VAL B 46 -17.07 -9.33 21.97
CA VAL B 46 -17.32 -9.00 23.36
C VAL B 46 -16.01 -8.94 24.17
N SER B 47 -15.18 -9.96 24.04
CA SER B 47 -14.00 -10.10 24.88
C SER B 47 -12.88 -9.11 24.54
N GLU B 48 -12.81 -8.66 23.29
CA GLU B 48 -11.71 -7.79 22.85
C GLU B 48 -12.09 -6.31 22.74
N GLY B 49 -13.28 -5.94 23.22
CA GLY B 49 -13.67 -4.53 23.39
C GLY B 49 -14.44 -3.89 22.25
N TRP B 50 -14.61 -4.62 21.16
CA TRP B 50 -15.30 -4.10 19.96
C TRP B 50 -16.71 -3.58 20.25
N LYS B 51 -17.55 -4.40 20.89
CA LYS B 51 -18.87 -3.99 21.33
C LYS B 51 -18.83 -2.74 22.19
N ASP B 52 -17.87 -2.65 23.11
CA ASP B 52 -17.75 -1.47 23.98
C ASP B 52 -17.34 -0.23 23.20
N ALA B 53 -16.46 -0.40 22.21
CA ALA B 53 -16.10 0.68 21.30
C ALA B 53 -17.30 1.15 20.46
N GLY B 54 -18.27 0.26 20.26
CA GLY B 54 -19.50 0.60 19.56
C GLY B 54 -19.94 -0.36 18.48
N TYR B 55 -19.06 -1.30 18.11
CA TYR B 55 -19.32 -2.26 17.04
C TYR B 55 -20.28 -3.36 17.49
N GLU B 56 -21.53 -3.30 17.03
CA GLU B 56 -22.55 -4.20 17.56
C GLU B 56 -23.17 -5.13 16.53
N TYR B 57 -23.06 -4.81 15.25
CA TYR B 57 -23.69 -5.66 14.23
C TYR B 57 -22.71 -6.66 13.66
N LEU B 58 -22.99 -7.95 13.88
CA LEU B 58 -22.23 -9.04 13.27
C LEU B 58 -22.96 -9.53 12.01
N CYS B 59 -22.34 -9.37 10.85
CA CYS B 59 -23.09 -9.49 9.58
C CYS B 59 -22.53 -10.53 8.64
N ILE B 60 -23.37 -11.47 8.24
CA ILE B 60 -23.01 -12.48 7.25
C ILE B 60 -23.21 -11.86 5.90
N ASP B 61 -22.19 -11.84 5.06
CA ASP B 61 -22.37 -11.45 3.65
C ASP B 61 -22.81 -12.68 2.84
N ASP B 62 -22.62 -12.62 1.53
CA ASP B 62 -23.02 -13.68 0.58
C ASP B 62 -22.37 -15.03 0.92
N CYS B 63 -22.96 -16.10 0.39
CA CYS B 63 -22.41 -17.46 0.51
C CYS B 63 -22.72 -18.10 1.86
N TRP B 64 -23.89 -17.83 2.40
CA TRP B 64 -24.37 -18.53 3.59
C TRP B 64 -25.52 -19.48 3.26
N MET B 65 -26.06 -19.36 2.05
CA MET B 65 -27.27 -20.07 1.66
C MET B 65 -26.97 -21.44 1.06
N ALA B 66 -27.90 -22.38 1.23
CA ALA B 66 -27.91 -23.59 0.41
C ALA B 66 -28.27 -23.19 -1.03
N PRO B 67 -27.96 -24.06 -2.01
CA PRO B 67 -28.19 -23.73 -3.43
C PRO B 67 -29.64 -23.63 -3.88
N GLN B 68 -30.57 -24.21 -3.12
CA GLN B 68 -31.98 -24.24 -3.49
C GLN B 68 -32.81 -23.80 -2.29
N ARG B 69 -33.98 -23.25 -2.58
CA ARG B 69 -34.97 -23.00 -1.55
C ARG B 69 -35.55 -24.33 -1.11
N ASP B 70 -36.07 -24.37 0.11
CA ASP B 70 -36.71 -25.56 0.64
C ASP B 70 -38.09 -25.76 -0.01
N SER B 71 -38.78 -26.81 0.37
CA SER B 71 -40.08 -27.17 -0.20
C SER B 71 -41.19 -26.14 0.06
N GLU B 72 -41.07 -25.36 1.13
CA GLU B 72 -41.95 -24.21 1.37
C GLU B 72 -41.45 -22.89 0.75
N GLY B 73 -40.51 -22.97 -0.19
CA GLY B 73 -40.01 -21.79 -0.88
C GLY B 73 -39.16 -20.83 -0.05
N ARG B 74 -38.67 -21.28 1.11
CA ARG B 74 -37.79 -20.46 1.92
C ARG B 74 -36.34 -20.62 1.50
N LEU B 75 -35.55 -19.56 1.66
CA LEU B 75 -34.10 -19.67 1.67
C LEU B 75 -33.69 -20.56 2.83
N GLN B 76 -32.57 -21.26 2.69
CA GLN B 76 -32.05 -22.08 3.78
C GLN B 76 -30.55 -21.86 3.95
N ALA B 77 -30.12 -21.91 5.20
CA ALA B 77 -28.70 -21.91 5.53
C ALA B 77 -28.10 -23.20 5.01
N ASP B 78 -26.90 -23.13 4.43
CA ASP B 78 -26.23 -24.35 3.98
C ASP B 78 -26.17 -25.37 5.12
N PRO B 79 -26.58 -26.63 4.84
CA PRO B 79 -26.62 -27.62 5.91
C PRO B 79 -25.25 -28.07 6.43
N GLN B 80 -24.25 -28.18 5.55
CA GLN B 80 -22.88 -28.53 6.00
C GLN B 80 -22.24 -27.43 6.87
N ARG B 81 -22.36 -26.18 6.43
CA ARG B 81 -21.63 -25.07 7.05
C ARG B 81 -22.41 -24.33 8.13
N PHE B 82 -23.74 -24.43 8.08
CA PHE B 82 -24.61 -23.93 9.15
C PHE B 82 -25.60 -25.02 9.62
N PRO B 83 -25.07 -26.15 10.10
CA PRO B 83 -25.93 -27.27 10.48
C PRO B 83 -26.98 -26.93 11.55
N HIS B 84 -26.68 -26.00 12.45
CA HIS B 84 -27.63 -25.60 13.49
C HIS B 84 -28.56 -24.45 13.09
N GLY B 85 -28.44 -23.95 11.87
CA GLY B 85 -29.33 -22.91 11.37
C GLY B 85 -29.08 -21.48 11.83
N ILE B 86 -29.68 -20.55 11.10
CA ILE B 86 -29.49 -19.12 11.36
C ILE B 86 -30.20 -18.66 12.63
N ARG B 87 -31.34 -19.28 12.96
CA ARG B 87 -32.06 -18.96 14.19
C ARG B 87 -31.18 -19.13 15.44
N GLN B 88 -30.52 -20.28 15.55
CA GLN B 88 -29.64 -20.55 16.71
C GLN B 88 -28.39 -19.67 16.72
N LEU B 89 -27.90 -19.29 15.54
CA LEU B 89 -26.81 -18.31 15.44
C LEU B 89 -27.26 -16.94 15.97
N ALA B 90 -28.44 -16.50 15.51
CA ALA B 90 -29.03 -15.25 16.02
C ALA B 90 -29.17 -15.24 17.56
N ASN B 91 -29.68 -16.34 18.11
CA ASN B 91 -29.84 -16.44 19.55
C ASN B 91 -28.49 -16.35 20.24
N TYR B 92 -27.50 -17.07 19.73
CA TYR B 92 -26.15 -16.99 20.24
C TYR B 92 -25.60 -15.57 20.17
N VAL B 93 -25.72 -14.95 19.00
CA VAL B 93 -25.26 -13.57 18.80
C VAL B 93 -25.98 -12.62 19.76
N HIS B 94 -27.31 -12.72 19.82
CA HIS B 94 -28.11 -11.92 20.76
C HIS B 94 -27.70 -12.11 22.20
N SER B 95 -27.33 -13.32 22.57
CA SER B 95 -26.96 -13.63 23.96
C SER B 95 -25.68 -12.91 24.40
N LYS B 96 -24.86 -12.53 23.42
CA LYS B 96 -23.64 -11.76 23.66
C LYS B 96 -23.89 -10.23 23.66
N GLY B 97 -25.13 -9.82 23.45
CA GLY B 97 -25.48 -8.41 23.39
C GLY B 97 -25.28 -7.79 22.01
N LEU B 98 -25.03 -8.64 21.01
CA LEU B 98 -24.73 -8.19 19.64
C LEU B 98 -25.98 -8.32 18.79
N LYS B 99 -25.86 -7.93 17.51
CA LYS B 99 -26.98 -7.95 16.57
C LYS B 99 -26.55 -8.61 15.27
N LEU B 100 -27.44 -9.39 14.69
CA LEU B 100 -27.10 -10.18 13.51
C LEU B 100 -27.50 -9.47 12.25
N GLY B 101 -26.56 -9.34 11.33
CA GLY B 101 -26.88 -8.94 9.97
C GLY B 101 -26.83 -10.13 9.04
N ILE B 102 -27.65 -10.10 8.00
CA ILE B 102 -27.67 -11.13 6.96
C ILE B 102 -27.77 -10.50 5.57
N TYR B 103 -27.54 -11.32 4.55
CA TYR B 103 -27.41 -10.87 3.17
C TYR B 103 -28.45 -11.52 2.28
N ALA B 104 -28.97 -10.74 1.33
CA ALA B 104 -29.81 -11.29 0.25
C ALA B 104 -29.64 -10.41 -0.97
N ASP B 105 -30.28 -10.79 -2.07
CA ASP B 105 -30.16 -10.06 -3.33
C ASP B 105 -31.54 -9.77 -3.94
N VAL B 106 -31.67 -8.58 -4.52
CA VAL B 106 -32.93 -8.14 -5.12
C VAL B 106 -33.27 -8.89 -6.41
N GLY B 107 -32.25 -9.40 -7.11
CA GLY B 107 -32.43 -10.09 -8.39
C GLY B 107 -32.70 -11.57 -8.25
N ASN B 108 -32.46 -12.32 -9.33
CA ASN B 108 -32.76 -13.77 -9.38
C ASN B 108 -31.68 -14.65 -8.73
N LYS B 109 -30.44 -14.15 -8.68
CA LYS B 109 -29.36 -14.81 -7.92
C LYS B 109 -28.58 -13.79 -7.11
N THR B 110 -27.83 -14.27 -6.11
CA THR B 110 -26.84 -13.45 -5.42
C THR B 110 -25.66 -13.29 -6.36
N CYS B 111 -24.70 -12.44 -5.98
CA CYS B 111 -23.54 -12.21 -6.85
C CYS B 111 -22.66 -13.45 -6.96
N ALA B 112 -22.61 -14.24 -5.89
CA ALA B 112 -21.91 -15.52 -5.87
C ALA B 112 -22.71 -16.63 -6.55
N GLY B 113 -24.00 -16.39 -6.82
CA GLY B 113 -24.82 -17.29 -7.62
C GLY B 113 -25.89 -18.09 -6.86
N PHE B 114 -26.05 -17.81 -5.57
CA PHE B 114 -27.06 -18.48 -4.76
C PHE B 114 -28.44 -17.83 -4.96
N PRO B 115 -29.51 -18.40 -4.40
CA PRO B 115 -30.84 -17.92 -4.76
C PRO B 115 -31.09 -16.45 -4.42
N GLY B 116 -31.60 -15.69 -5.40
CA GLY B 116 -32.01 -14.31 -5.19
C GLY B 116 -33.43 -14.25 -4.68
N SER B 117 -33.85 -13.06 -4.25
CA SER B 117 -35.15 -12.92 -3.61
C SER B 117 -36.26 -12.44 -4.54
N PHE B 118 -35.94 -12.21 -5.82
CA PHE B 118 -36.99 -11.80 -6.75
C PHE B 118 -38.11 -12.83 -6.81
N GLY B 119 -39.34 -12.39 -6.54
CA GLY B 119 -40.49 -13.26 -6.45
C GLY B 119 -40.78 -13.77 -5.06
N TYR B 120 -39.90 -13.44 -4.10
CA TYR B 120 -39.96 -13.97 -2.75
C TYR B 120 -39.67 -12.91 -1.68
N TYR B 121 -39.96 -11.65 -1.98
CA TYR B 121 -39.60 -10.56 -1.08
C TYR B 121 -40.29 -10.70 0.28
N ASP B 122 -41.59 -10.95 0.26
CA ASP B 122 -42.38 -11.03 1.49
C ASP B 122 -41.98 -12.26 2.32
N ILE B 123 -41.84 -13.40 1.65
CA ILE B 123 -41.44 -14.64 2.33
C ILE B 123 -40.07 -14.50 2.99
N ASP B 124 -39.10 -13.95 2.26
CA ASP B 124 -37.74 -13.79 2.78
C ASP B 124 -37.68 -12.82 3.97
N ALA B 125 -38.40 -11.70 3.83
CA ALA B 125 -38.50 -10.72 4.88
C ALA B 125 -39.06 -11.36 6.14
N GLN B 126 -40.11 -12.16 5.97
CA GLN B 126 -40.73 -12.86 7.08
C GLN B 126 -39.78 -13.87 7.69
N THR B 127 -39.10 -14.62 6.84
CA THR B 127 -38.10 -15.57 7.30
C THR B 127 -37.07 -14.88 8.20
N PHE B 128 -36.53 -13.75 7.74
CA PHE B 128 -35.48 -13.07 8.46
C PHE B 128 -35.98 -12.58 9.82
N ALA B 129 -37.12 -11.91 9.82
CA ALA B 129 -37.71 -11.41 11.06
C ALA B 129 -38.02 -12.55 12.04
N ASP B 130 -38.52 -13.66 11.53
CA ASP B 130 -38.81 -14.82 12.38
C ASP B 130 -37.52 -15.35 12.97
N TRP B 131 -36.46 -15.37 12.16
CA TRP B 131 -35.14 -15.82 12.62
C TRP B 131 -34.50 -14.94 13.68
N GLY B 132 -34.90 -13.67 13.76
CA GLY B 132 -34.35 -12.75 14.75
C GLY B 132 -33.29 -11.82 14.20
N VAL B 133 -33.21 -11.74 12.87
CA VAL B 133 -32.30 -10.82 12.21
C VAL B 133 -32.55 -9.38 12.61
N ASP B 134 -31.47 -8.59 12.70
CA ASP B 134 -31.53 -7.16 13.02
C ASP B 134 -31.00 -6.23 11.91
N LEU B 135 -30.39 -6.80 10.87
CA LEU B 135 -29.90 -6.01 9.74
C LEU B 135 -29.94 -6.84 8.46
N LEU B 136 -30.31 -6.19 7.35
CA LEU B 136 -30.26 -6.85 6.04
C LEU B 136 -29.43 -6.03 5.08
N LYS B 137 -28.38 -6.64 4.51
CA LYS B 137 -27.67 -6.09 3.38
C LYS B 137 -28.27 -6.69 2.11
N PHE B 138 -28.80 -5.83 1.24
CA PHE B 138 -29.55 -6.28 0.05
C PHE B 138 -28.79 -5.85 -1.21
N ASP B 139 -28.18 -6.82 -1.88
CA ASP B 139 -27.32 -6.57 -3.04
C ASP B 139 -28.15 -6.51 -4.31
N GLY B 140 -27.56 -6.05 -5.41
CA GLY B 140 -28.31 -5.72 -6.63
C GLY B 140 -27.91 -6.49 -7.88
N CYS B 141 -27.26 -7.62 -7.70
CA CYS B 141 -26.83 -8.44 -8.83
C CYS B 141 -28.01 -9.10 -9.53
N TYR B 142 -27.79 -9.51 -10.79
CA TYR B 142 -28.74 -10.30 -11.58
C TYR B 142 -30.16 -9.75 -11.59
N CYS B 143 -30.25 -8.44 -11.74
CA CYS B 143 -31.52 -7.77 -11.99
C CYS B 143 -31.53 -7.39 -13.48
N ASP B 144 -32.67 -7.58 -14.15
CA ASP B 144 -32.72 -7.41 -15.62
C ASP B 144 -33.03 -5.99 -16.11
N SER B 145 -33.62 -5.15 -15.26
CA SER B 145 -33.91 -3.76 -15.61
C SER B 145 -33.83 -2.86 -14.40
N LEU B 146 -33.73 -1.56 -14.64
CA LEU B 146 -33.61 -0.58 -13.57
C LEU B 146 -34.94 -0.38 -12.85
N GLU B 147 -36.04 -0.64 -13.54
CA GLU B 147 -37.35 -0.56 -12.89
C GLU B 147 -37.51 -1.70 -11.88
N ASN B 148 -37.16 -2.92 -12.27
CA ASN B 148 -37.19 -4.05 -11.34
C ASN B 148 -36.25 -3.83 -10.14
N LEU B 149 -35.12 -3.18 -10.40
CA LEU B 149 -34.18 -2.82 -9.35
C LEU B 149 -34.87 -1.89 -8.35
N ALA B 150 -35.36 -0.76 -8.85
CA ALA B 150 -36.01 0.20 -7.98
C ALA B 150 -37.23 -0.43 -7.30
N ASP B 151 -38.06 -1.12 -8.08
CA ASP B 151 -39.26 -1.76 -7.52
C ASP B 151 -38.88 -2.74 -6.41
N GLY B 152 -37.89 -3.58 -6.71
CA GLY B 152 -37.44 -4.60 -5.78
C GLY B 152 -36.97 -4.01 -4.47
N TYR B 153 -36.10 -3.03 -4.56
CA TYR B 153 -35.58 -2.35 -3.39
C TYR B 153 -36.70 -1.74 -2.56
N LYS B 154 -37.64 -1.10 -3.24
CA LYS B 154 -38.83 -0.54 -2.60
C LYS B 154 -39.71 -1.58 -1.94
N HIS B 155 -40.01 -2.66 -2.66
CA HIS B 155 -40.87 -3.72 -2.12
C HIS B 155 -40.27 -4.28 -0.83
N MET B 156 -38.99 -4.61 -0.86
CA MET B 156 -38.36 -5.26 0.28
C MET B 156 -38.34 -4.34 1.48
N SER B 157 -38.25 -3.04 1.23
CA SER B 157 -38.30 -2.07 2.31
C SER B 157 -39.65 -2.17 3.02
N LEU B 158 -40.72 -2.18 2.23
CA LEU B 158 -42.06 -2.32 2.80
C LEU B 158 -42.25 -3.66 3.50
N ALA B 159 -41.76 -4.73 2.89
CA ALA B 159 -41.87 -6.06 3.46
C ALA B 159 -41.25 -6.12 4.85
N LEU B 160 -40.07 -5.56 4.99
CA LEU B 160 -39.39 -5.58 6.28
C LEU B 160 -40.22 -4.80 7.28
N ASN B 161 -40.77 -3.69 6.84
CA ASN B 161 -41.64 -2.89 7.68
C ASN B 161 -42.85 -3.66 8.18
N ARG B 162 -43.46 -4.42 7.26
CA ARG B 162 -44.69 -5.16 7.54
C ARG B 162 -44.49 -6.25 8.59
N THR B 163 -43.26 -6.74 8.72
CA THR B 163 -42.93 -7.73 9.75
C THR B 163 -43.05 -7.14 11.14
N GLY B 164 -42.85 -5.83 11.27
CA GLY B 164 -42.92 -5.14 12.56
C GLY B 164 -41.67 -5.26 13.42
N ARG B 165 -40.62 -5.89 12.90
CA ARG B 165 -39.34 -5.96 13.62
C ARG B 165 -38.40 -4.86 13.11
N SER B 166 -37.64 -4.28 14.04
CA SER B 166 -36.59 -3.31 13.72
C SER B 166 -35.47 -4.01 12.95
N ILE B 167 -35.30 -3.62 11.70
CA ILE B 167 -34.25 -4.19 10.87
C ILE B 167 -33.58 -3.10 10.04
N VAL B 168 -32.29 -2.86 10.33
CA VAL B 168 -31.50 -1.90 9.56
C VAL B 168 -31.44 -2.38 8.11
N TYR B 169 -31.79 -1.51 7.17
CA TYR B 169 -31.89 -1.89 5.75
C TYR B 169 -30.80 -1.19 4.90
N SER B 170 -29.87 -1.99 4.39
CA SER B 170 -28.73 -1.52 3.61
C SER B 170 -28.90 -1.89 2.13
N CYS B 171 -28.92 -0.89 1.25
CA CYS B 171 -29.19 -1.06 -0.18
C CYS B 171 -27.95 -0.80 -1.02
N SER B 172 -27.72 -1.59 -2.05
CA SER B 172 -26.67 -1.30 -3.03
C SER B 172 -27.31 -0.63 -4.26
N TRP B 173 -28.58 -0.27 -4.10
CA TRP B 173 -29.39 0.37 -5.14
C TRP B 173 -28.64 1.40 -6.03
N PRO B 174 -28.12 2.48 -5.45
CA PRO B 174 -27.53 3.47 -6.34
C PRO B 174 -26.24 3.00 -7.01
N ALA B 175 -25.45 2.16 -6.34
CA ALA B 175 -24.26 1.60 -6.96
C ALA B 175 -24.59 0.89 -8.27
N TYR B 176 -25.72 0.19 -8.31
CA TYR B 176 -26.11 -0.60 -9.48
C TYR B 176 -26.82 0.21 -10.55
N MET B 177 -27.22 1.41 -10.18
CA MET B 177 -27.95 2.31 -11.06
C MET B 177 -26.99 3.23 -11.81
N TRP B 178 -26.00 3.75 -11.07
CA TRP B 178 -25.08 4.82 -11.55
C TRP B 178 -24.56 4.73 -12.98
N PRO B 179 -24.23 3.51 -13.45
CA PRO B 179 -23.77 3.39 -14.84
C PRO B 179 -24.74 3.87 -15.92
N PHE B 180 -26.04 3.83 -15.64
CA PHE B 180 -27.08 4.14 -16.61
C PHE B 180 -27.90 5.39 -16.29
N GLN B 181 -28.16 5.64 -15.01
CA GLN B 181 -28.97 6.78 -14.58
C GLN B 181 -28.41 7.42 -13.32
N LYS B 182 -28.67 8.71 -13.15
CA LYS B 182 -28.40 9.37 -11.88
C LYS B 182 -29.48 8.90 -10.91
N PRO B 183 -29.07 8.36 -9.76
CA PRO B 183 -30.07 7.96 -8.77
C PRO B 183 -30.81 9.14 -8.15
N ASN B 184 -32.01 8.88 -7.62
CA ASN B 184 -32.75 9.87 -6.85
C ASN B 184 -32.53 9.58 -5.38
N TYR B 185 -31.52 10.22 -4.80
CA TYR B 185 -31.18 10.00 -3.40
C TYR B 185 -32.33 10.35 -2.44
N THR B 186 -33.25 11.21 -2.87
CA THR B 186 -34.45 11.49 -2.08
C THR B 186 -35.35 10.27 -2.00
N GLU B 187 -35.45 9.55 -3.12
CA GLU B 187 -36.23 8.31 -3.16
C GLU B 187 -35.51 7.25 -2.32
N ILE B 188 -34.23 7.08 -2.59
CA ILE B 188 -33.42 6.06 -1.94
C ILE B 188 -33.40 6.27 -0.43
N ARG B 189 -33.36 7.52 0.02
CA ARG B 189 -33.36 7.80 1.45
C ARG B 189 -34.68 7.39 2.08
N GLN B 190 -35.77 7.50 1.31
CA GLN B 190 -37.09 7.16 1.82
C GLN B 190 -37.19 5.70 2.23
N TYR B 191 -36.51 4.83 1.48
CA TYR B 191 -36.59 3.39 1.69
C TYR B 191 -35.41 2.73 2.42
N CYS B 192 -34.24 3.38 2.47
CA CYS B 192 -33.03 2.71 2.98
C CYS B 192 -32.38 3.45 4.14
N ASN B 193 -31.77 2.69 5.04
CA ASN B 193 -30.91 3.24 6.08
C ASN B 193 -29.50 3.55 5.59
N HIS B 194 -28.96 2.74 4.70
CA HIS B 194 -27.81 3.17 3.94
C HIS B 194 -27.78 2.62 2.55
N TRP B 195 -26.93 3.21 1.73
CA TRP B 195 -26.84 2.86 0.34
C TRP B 195 -25.38 2.89 -0.12
N ARG B 196 -24.97 1.80 -0.76
CA ARG B 196 -23.66 1.73 -1.32
C ARG B 196 -23.68 2.52 -2.60
N ASN B 197 -22.76 3.48 -2.71
CA ASN B 197 -22.68 4.39 -3.83
C ASN B 197 -21.82 3.92 -5.00
N PHE B 198 -20.85 3.06 -4.72
CA PHE B 198 -19.74 2.85 -5.64
C PHE B 198 -19.21 1.42 -5.60
N ALA B 199 -18.33 1.10 -6.58
CA ALA B 199 -17.62 -0.18 -6.70
C ALA B 199 -17.13 -0.76 -5.36
N ASP B 200 -16.98 -2.10 -5.34
CA ASP B 200 -16.61 -2.82 -4.13
C ASP B 200 -15.17 -2.51 -3.69
N ILE B 201 -15.00 -2.17 -2.41
CA ILE B 201 -13.69 -1.93 -1.84
C ILE B 201 -12.84 -3.19 -1.88
N ASP B 202 -11.53 -3.03 -1.98
CA ASP B 202 -10.63 -4.15 -1.75
C ASP B 202 -9.48 -3.70 -0.86
N ASP B 203 -8.56 -4.62 -0.58
CA ASP B 203 -7.47 -4.38 0.34
C ASP B 203 -6.33 -3.67 -0.37
N SER B 204 -6.57 -2.42 -0.76
CA SER B 204 -5.57 -1.68 -1.54
C SER B 204 -5.72 -0.18 -1.41
N TRP B 205 -4.58 0.51 -1.51
CA TRP B 205 -4.56 1.95 -1.50
C TRP B 205 -5.30 2.50 -2.70
N LYS B 206 -5.07 1.92 -3.89
CA LYS B 206 -5.77 2.33 -5.10
C LYS B 206 -7.26 2.43 -4.83
N SER B 207 -7.82 1.35 -4.29
CA SER B 207 -9.25 1.25 -4.03
C SER B 207 -9.76 2.43 -3.20
N ILE B 208 -9.09 2.68 -2.08
CA ILE B 208 -9.46 3.73 -1.18
C ILE B 208 -9.37 5.11 -1.80
N LYS B 209 -8.25 5.42 -2.42
CA LYS B 209 -8.14 6.64 -3.19
C LYS B 209 -9.34 6.77 -4.15
N SER B 210 -9.76 5.69 -4.76
CA SER B 210 -10.72 5.84 -5.86
C SER B 210 -12.11 6.10 -5.27
N ILE B 211 -12.30 5.67 -4.03
CA ILE B 211 -13.58 5.88 -3.35
C ILE B 211 -13.67 7.35 -2.92
N LEU B 212 -12.59 7.85 -2.33
CA LEU B 212 -12.54 9.25 -1.91
C LEU B 212 -12.65 10.13 -3.16
N ASP B 213 -11.93 9.78 -4.20
CA ASP B 213 -11.93 10.60 -5.42
C ASP B 213 -13.31 10.65 -6.04
N TRP B 214 -14.01 9.51 -6.07
CA TRP B 214 -15.37 9.47 -6.57
C TRP B 214 -16.33 10.26 -5.68
N THR B 215 -16.13 10.14 -4.36
CA THR B 215 -17.03 10.78 -3.41
C THR B 215 -16.89 12.29 -3.45
N SER B 216 -15.65 12.77 -3.54
CA SER B 216 -15.39 14.20 -3.62
C SER B 216 -15.94 14.77 -4.92
N PHE B 217 -15.72 14.07 -6.04
CA PHE B 217 -16.22 14.53 -7.33
C PHE B 217 -17.74 14.69 -7.30
N ASN B 218 -18.43 13.75 -6.68
CA ASN B 218 -19.89 13.71 -6.68
C ASN B 218 -20.50 14.24 -5.39
N GLN B 219 -19.76 15.04 -4.64
CA GLN B 219 -20.20 15.40 -3.28
C GLN B 219 -21.42 16.31 -3.22
N GLU B 220 -21.66 17.09 -4.27
CA GLU B 220 -22.83 17.96 -4.33
C GLU B 220 -24.10 17.13 -4.46
N ARG B 221 -24.00 15.99 -5.12
CA ARG B 221 -25.12 15.07 -5.26
C ARG B 221 -25.46 14.31 -3.98
N ILE B 222 -24.44 13.92 -3.21
CA ILE B 222 -24.65 12.95 -2.12
C ILE B 222 -24.47 13.47 -0.68
N VAL B 223 -23.73 14.56 -0.45
CA VAL B 223 -23.43 14.95 0.93
C VAL B 223 -24.67 15.33 1.75
N ASP B 224 -25.51 16.21 1.23
CA ASP B 224 -26.61 16.79 2.02
C ASP B 224 -27.78 15.82 2.26
N VAL B 225 -27.97 14.89 1.33
CA VAL B 225 -29.01 13.86 1.50
C VAL B 225 -28.78 12.94 2.71
N ALA B 226 -27.55 12.83 3.17
CA ALA B 226 -27.24 12.00 4.32
C ALA B 226 -27.55 12.68 5.67
N GLY B 227 -27.82 11.85 6.68
CA GLY B 227 -28.24 12.31 8.00
C GLY B 227 -28.82 11.16 8.80
N PRO B 228 -29.23 11.41 10.05
CA PRO B 228 -29.77 10.35 10.89
C PRO B 228 -30.85 9.50 10.20
N GLY B 229 -30.66 8.18 10.20
CA GLY B 229 -31.58 7.24 9.58
C GLY B 229 -31.27 6.92 8.12
N GLY B 230 -30.26 7.57 7.56
CA GLY B 230 -29.96 7.40 6.13
C GLY B 230 -28.59 7.89 5.73
N TRP B 231 -27.69 6.95 5.40
CA TRP B 231 -26.26 7.27 5.19
C TRP B 231 -25.68 6.81 3.85
N ASN B 232 -24.66 7.53 3.41
CA ASN B 232 -23.79 7.08 2.34
C ASN B 232 -22.85 5.99 2.83
N ASP B 233 -22.72 4.93 2.05
CA ASP B 233 -21.89 3.79 2.41
C ASP B 233 -20.74 3.66 1.41
N PRO B 234 -19.54 4.08 1.82
CA PRO B 234 -18.37 3.95 0.95
C PRO B 234 -17.73 2.54 1.06
N ASP B 235 -18.42 1.63 1.75
CA ASP B 235 -18.04 0.24 1.87
C ASP B 235 -17.14 0.01 3.08
N MET B 236 -16.61 -1.22 3.20
CA MET B 236 -15.98 -1.72 4.41
C MET B 236 -14.65 -1.08 4.81
N LEU B 237 -14.43 -1.00 6.12
CA LEU B 237 -13.11 -0.71 6.66
C LEU B 237 -12.23 -1.92 6.47
N VAL B 238 -11.01 -1.71 6.02
CA VAL B 238 -10.12 -2.83 5.70
C VAL B 238 -8.80 -2.71 6.47
N ILE B 239 -8.89 -2.00 7.58
CA ILE B 239 -7.79 -1.80 8.48
C ILE B 239 -7.57 -3.14 9.15
N GLY B 240 -6.31 -3.59 9.19
CA GLY B 240 -5.93 -4.81 9.94
C GLY B 240 -5.67 -6.01 9.06
N ASN B 241 -5.76 -5.81 7.74
CA ASN B 241 -5.54 -6.85 6.76
C ASN B 241 -4.14 -6.74 6.14
N PHE B 242 -4.01 -6.68 4.82
CA PHE B 242 -2.73 -6.95 4.15
C PHE B 242 -2.19 -5.87 3.20
N GLY B 243 -3.09 -5.07 2.64
CA GLY B 243 -2.75 -4.26 1.50
C GLY B 243 -2.40 -2.82 1.78
N LEU B 244 -2.54 -2.38 3.03
CA LEU B 244 -2.42 -0.95 3.34
C LEU B 244 -1.33 -0.70 4.34
N SER B 245 -0.54 0.33 4.08
CA SER B 245 0.44 0.79 5.01
C SER B 245 -0.27 1.40 6.22
N TRP B 246 0.46 1.52 7.32
CA TRP B 246 -0.09 2.15 8.53
C TRP B 246 -0.67 3.52 8.25
N ASN B 247 0.04 4.31 7.45
CA ASN B 247 -0.45 5.63 7.08
C ASN B 247 -1.74 5.55 6.28
N GLN B 248 -1.82 4.57 5.39
CA GLN B 248 -3.00 4.41 4.55
C GLN B 248 -4.21 3.99 5.43
N GLN B 249 -3.94 3.15 6.42
CA GLN B 249 -4.99 2.75 7.36
C GLN B 249 -5.51 3.94 8.17
N VAL B 250 -4.61 4.83 8.56
CA VAL B 250 -5.02 6.03 9.31
C VAL B 250 -5.88 6.88 8.38
N THR B 251 -5.47 7.00 7.13
CA THR B 251 -6.27 7.74 6.17
C THR B 251 -7.69 7.16 6.11
N GLN B 252 -7.84 5.84 6.12
CA GLN B 252 -9.18 5.27 6.03
C GLN B 252 -10.03 5.58 7.24
N MET B 253 -9.47 5.38 8.43
CA MET B 253 -10.23 5.61 9.64
C MET B 253 -10.69 7.06 9.67
N ALA B 254 -9.77 7.97 9.36
CA ALA B 254 -10.05 9.41 9.39
C ALA B 254 -11.18 9.80 8.44
N LEU B 255 -11.06 9.42 7.17
CA LEU B 255 -12.03 9.87 6.16
C LEU B 255 -13.38 9.20 6.33
N TRP B 256 -13.39 7.97 6.82
CA TRP B 256 -14.64 7.27 7.12
C TRP B 256 -15.39 7.94 8.28
N ALA B 257 -14.66 8.61 9.18
CA ALA B 257 -15.27 9.46 10.21
C ALA B 257 -15.81 10.76 9.59
N ILE B 258 -14.99 11.41 8.79
CA ILE B 258 -15.39 12.66 8.14
C ILE B 258 -16.65 12.45 7.28
N MET B 259 -16.72 11.31 6.60
CA MET B 259 -17.85 11.06 5.67
C MET B 259 -19.09 10.51 6.34
N ALA B 260 -19.04 10.37 7.67
CA ALA B 260 -20.13 9.80 8.43
C ALA B 260 -20.56 8.45 7.83
N ALA B 261 -19.56 7.66 7.45
CA ALA B 261 -19.80 6.33 6.92
C ALA B 261 -20.19 5.33 8.01
N PRO B 262 -21.03 4.35 7.66
CA PRO B 262 -21.16 3.21 8.55
C PRO B 262 -19.81 2.56 8.66
N LEU B 263 -19.44 2.11 9.85
CA LEU B 263 -18.13 1.51 10.07
C LEU B 263 -18.25 0.02 10.18
N PHE B 264 -18.06 -0.67 9.06
CA PHE B 264 -18.10 -2.11 9.06
C PHE B 264 -16.70 -2.67 8.83
N MET B 265 -16.08 -3.14 9.91
CA MET B 265 -14.85 -3.92 9.85
C MET B 265 -15.05 -5.16 8.99
N SER B 266 -14.04 -5.49 8.17
CA SER B 266 -13.95 -6.78 7.50
C SER B 266 -12.50 -7.26 7.65
N ASN B 267 -12.28 -8.03 8.69
CA ASN B 267 -10.95 -8.43 9.06
C ASN B 267 -11.05 -9.72 9.85
N ASP B 268 -9.93 -10.22 10.35
CA ASP B 268 -9.94 -11.39 11.20
C ASP B 268 -9.69 -10.97 12.63
N LEU B 269 -10.75 -10.85 13.42
CA LEU B 269 -10.61 -10.46 14.83
C LEU B 269 -9.76 -11.43 15.65
N ARG B 270 -9.53 -12.64 15.13
CA ARG B 270 -8.69 -13.60 15.84
C ARG B 270 -7.21 -13.29 15.65
N HIS B 271 -6.88 -12.60 14.56
CA HIS B 271 -5.48 -12.27 14.22
C HIS B 271 -5.40 -10.83 13.75
N ILE B 272 -5.33 -9.92 14.71
CA ILE B 272 -5.32 -8.49 14.41
C ILE B 272 -4.27 -7.81 15.28
N SER B 273 -3.48 -6.92 14.68
CA SER B 273 -2.38 -6.28 15.40
C SER B 273 -2.91 -5.32 16.47
N PRO B 274 -2.15 -5.15 17.56
CA PRO B 274 -2.57 -4.19 18.58
C PRO B 274 -2.74 -2.78 18.02
N GLN B 275 -1.91 -2.41 17.05
CA GLN B 275 -1.93 -1.08 16.49
C GLN B 275 -3.20 -0.87 15.66
N ALA B 276 -3.64 -1.91 14.96
CA ALA B 276 -4.88 -1.88 14.20
C ALA B 276 -6.10 -1.80 15.10
N LYS B 277 -6.06 -2.57 16.18
CA LYS B 277 -7.12 -2.59 17.18
C LYS B 277 -7.27 -1.21 17.83
N ALA B 278 -6.14 -0.58 18.11
CA ALA B 278 -6.15 0.73 18.78
C ALA B 278 -6.74 1.78 17.88
N LEU B 279 -6.44 1.69 16.59
CA LEU B 279 -6.96 2.64 15.60
C LEU B 279 -8.47 2.46 15.48
N LEU B 280 -8.90 1.22 15.24
CA LEU B 280 -10.31 0.90 15.04
C LEU B 280 -11.19 1.18 16.26
N GLN B 281 -10.60 1.16 17.45
CA GLN B 281 -11.34 1.41 18.68
C GLN B 281 -11.07 2.81 19.22
N ASP B 282 -10.42 3.66 18.44
CA ASP B 282 -10.08 5.01 18.89
C ASP B 282 -11.33 5.82 19.24
N LYS B 283 -11.55 6.03 20.54
CA LYS B 283 -12.82 6.59 21.01
C LYS B 283 -13.10 7.98 20.41
N ASP B 284 -12.09 8.84 20.37
CA ASP B 284 -12.27 10.20 19.87
C ASP B 284 -12.63 10.23 18.38
N VAL B 285 -12.09 9.29 17.60
CA VAL B 285 -12.36 9.28 16.17
C VAL B 285 -13.75 8.69 15.90
N ILE B 286 -14.06 7.60 16.60
CA ILE B 286 -15.41 7.02 16.59
C ILE B 286 -16.43 8.11 16.95
N ALA B 287 -16.15 8.84 18.03
CA ALA B 287 -17.00 9.95 18.47
C ALA B 287 -17.30 10.95 17.35
N ILE B 288 -16.34 11.18 16.46
CA ILE B 288 -16.56 12.05 15.31
C ILE B 288 -17.53 11.38 14.33
N ASN B 289 -17.26 10.12 14.00
CA ASN B 289 -18.17 9.36 13.13
C ASN B 289 -19.59 9.30 13.70
N GLN B 290 -19.69 9.15 15.02
CA GLN B 290 -20.97 8.99 15.70
C GLN B 290 -21.60 10.30 16.19
N ASP B 291 -21.10 11.44 15.73
CA ASP B 291 -21.64 12.73 16.13
C ASP B 291 -23.15 12.79 15.91
N PRO B 292 -23.92 13.18 16.93
CA PRO B 292 -25.38 13.09 16.80
C PRO B 292 -25.99 14.06 15.78
N LEU B 293 -25.27 15.11 15.41
CA LEU B 293 -25.76 16.03 14.39
C LEU B 293 -25.93 15.28 13.07
N GLY B 294 -25.02 14.36 12.79
CA GLY B 294 -25.11 13.52 11.60
C GLY B 294 -25.06 14.28 10.29
N LYS B 295 -24.24 15.34 10.21
CA LYS B 295 -23.98 16.01 8.94
C LYS B 295 -22.69 15.45 8.35
N GLN B 296 -22.78 14.97 7.12
CA GLN B 296 -21.63 14.37 6.45
C GLN B 296 -20.66 15.47 6.01
N GLY B 297 -19.36 15.18 6.13
CA GLY B 297 -18.32 16.10 5.74
C GLY B 297 -18.06 16.06 4.24
N TYR B 298 -17.09 16.83 3.79
CA TYR B 298 -16.87 17.05 2.38
C TYR B 298 -15.44 17.56 2.17
N GLN B 299 -14.95 17.43 0.95
CA GLN B 299 -13.66 17.97 0.58
C GLN B 299 -13.79 19.47 0.50
N LEU B 300 -12.92 20.18 1.22
CA LEU B 300 -12.92 21.63 1.20
C LEU B 300 -12.08 22.12 0.03
N ARG B 301 -10.86 21.61 -0.09
CA ARG B 301 -10.03 21.93 -1.24
C ARG B 301 -9.04 20.84 -1.57
N GLN B 302 -8.57 20.85 -2.82
CA GLN B 302 -7.51 19.96 -3.27
C GLN B 302 -6.47 20.79 -4.00
N GLY B 303 -5.27 20.25 -4.16
CA GLY B 303 -4.20 20.97 -4.86
C GLY B 303 -2.83 20.67 -4.30
N ASP B 304 -1.84 20.60 -5.19
CA ASP B 304 -0.44 20.35 -4.83
C ASP B 304 -0.31 18.98 -4.14
N ASN B 305 -1.07 18.00 -4.63
CA ASN B 305 -1.21 16.69 -4.00
C ASN B 305 -1.61 16.76 -2.51
N PHE B 306 -2.38 17.77 -2.13
CA PHE B 306 -3.00 17.80 -0.81
C PHE B 306 -4.50 17.80 -0.96
N GLU B 307 -5.19 17.29 0.04
CA GLU B 307 -6.63 17.46 0.15
C GLU B 307 -6.91 17.89 1.57
N VAL B 308 -7.83 18.84 1.74
CA VAL B 308 -8.42 19.14 3.04
C VAL B 308 -9.91 18.81 3.01
N TRP B 309 -10.35 17.96 3.94
CA TRP B 309 -11.76 17.64 4.14
C TRP B 309 -12.18 18.16 5.50
N GLU B 310 -13.45 18.54 5.63
CA GLU B 310 -13.96 18.96 6.92
C GLU B 310 -15.36 18.42 7.14
N ARG B 311 -15.72 18.28 8.42
CA ARG B 311 -17.05 17.83 8.82
C ARG B 311 -17.57 18.66 9.99
N PRO B 312 -18.80 19.19 9.87
CA PRO B 312 -19.41 19.92 10.97
C PRO B 312 -19.95 18.98 12.03
N LEU B 313 -19.81 19.38 13.28
CA LEU B 313 -20.18 18.54 14.41
C LEU B 313 -21.07 19.33 15.38
N SER B 314 -21.85 18.61 16.18
CA SER B 314 -22.62 19.23 17.24
C SER B 314 -21.70 20.00 18.18
N GLY B 315 -22.28 20.97 18.89
CA GLY B 315 -21.54 21.76 19.86
C GLY B 315 -20.57 22.75 19.23
N LEU B 316 -20.89 23.19 18.00
CA LEU B 316 -20.07 24.15 17.26
C LEU B 316 -18.65 23.66 16.99
N ALA B 317 -18.46 22.34 17.02
CA ALA B 317 -17.17 21.75 16.77
C ALA B 317 -17.06 21.39 15.29
N TRP B 318 -15.82 21.18 14.83
CA TRP B 318 -15.54 20.73 13.47
C TRP B 318 -14.43 19.69 13.50
N ALA B 319 -14.49 18.73 12.59
CA ALA B 319 -13.37 17.83 12.33
C ALA B 319 -12.80 18.21 10.98
N VAL B 320 -11.47 18.26 10.91
CA VAL B 320 -10.73 18.58 9.70
C VAL B 320 -9.67 17.51 9.42
N ALA B 321 -9.60 17.08 8.17
CA ALA B 321 -8.67 16.06 7.74
C ALA B 321 -7.85 16.61 6.60
N MET B 322 -6.53 16.52 6.73
CA MET B 322 -5.62 16.93 5.68
C MET B 322 -4.90 15.68 5.19
N ILE B 323 -4.99 15.42 3.89
CA ILE B 323 -4.37 14.24 3.29
C ILE B 323 -3.21 14.59 2.35
N ASN B 324 -2.08 13.92 2.55
CA ASN B 324 -0.94 14.04 1.64
C ASN B 324 -0.99 12.98 0.53
N ARG B 325 -1.35 13.39 -0.68
CA ARG B 325 -1.50 12.43 -1.78
C ARG B 325 -0.25 12.22 -2.60
N GLN B 326 0.86 12.85 -2.21
CA GLN B 326 2.14 12.65 -2.88
C GLN B 326 2.76 11.37 -2.36
N GLU B 327 3.03 10.44 -3.26
CA GLU B 327 3.46 9.09 -2.87
C GLU B 327 4.96 8.91 -3.09
N ILE B 328 5.71 9.93 -2.69
CA ILE B 328 7.16 9.93 -2.79
C ILE B 328 7.66 10.94 -1.77
N GLY B 329 8.85 10.70 -1.23
CA GLY B 329 9.46 11.66 -0.33
C GLY B 329 9.08 11.41 1.10
N GLY B 330 9.16 12.45 1.92
CA GLY B 330 8.93 12.35 3.34
C GLY B 330 7.71 13.14 3.76
N PRO B 331 7.53 13.33 5.08
CA PRO B 331 6.47 14.14 5.64
C PRO B 331 6.53 15.50 5.02
N ARG B 332 5.38 16.06 4.67
CA ARG B 332 5.32 17.27 3.86
C ARG B 332 4.54 18.32 4.63
N SER B 333 5.07 19.54 4.68
CA SER B 333 4.44 20.57 5.49
C SER B 333 3.24 21.16 4.76
N TYR B 334 2.16 21.39 5.50
CA TYR B 334 0.97 21.99 4.95
C TYR B 334 0.50 23.09 5.87
N THR B 335 0.27 24.26 5.30
CA THR B 335 -0.18 25.39 6.06
C THR B 335 -1.53 25.86 5.57
N ILE B 336 -2.45 26.02 6.52
CA ILE B 336 -3.79 26.48 6.21
C ILE B 336 -4.24 27.60 7.18
N ALA B 337 -4.92 28.60 6.64
CA ALA B 337 -5.54 29.64 7.44
C ALA B 337 -6.79 29.06 8.08
N VAL B 338 -6.87 29.09 9.41
CA VAL B 338 -8.03 28.53 10.09
C VAL B 338 -9.31 29.25 9.68
N ALA B 339 -9.19 30.50 9.26
CA ALA B 339 -10.34 31.25 8.72
C ALA B 339 -11.00 30.58 7.51
N SER B 340 -10.26 29.70 6.84
CA SER B 340 -10.79 28.94 5.70
C SER B 340 -11.71 27.82 6.15
N LEU B 341 -11.56 27.40 7.40
CA LEU B 341 -12.26 26.25 7.92
C LEU B 341 -13.64 26.64 8.46
N GLY B 342 -14.56 25.69 8.38
CA GLY B 342 -15.85 25.81 9.04
C GLY B 342 -16.68 26.96 8.52
N LYS B 343 -16.63 27.14 7.20
CA LYS B 343 -17.32 28.23 6.52
C LYS B 343 -16.97 29.60 7.13
N GLY B 344 -15.80 29.70 7.75
CA GLY B 344 -15.35 30.93 8.39
C GLY B 344 -15.80 31.13 9.82
N VAL B 345 -16.62 30.23 10.35
CA VAL B 345 -17.13 30.36 11.72
C VAL B 345 -16.48 29.40 12.71
N ALA B 346 -15.71 28.43 12.20
CA ALA B 346 -15.06 27.44 13.06
C ALA B 346 -14.20 28.08 14.14
N CYS B 347 -13.31 29.00 13.75
CA CYS B 347 -12.44 29.68 14.71
C CYS B 347 -12.73 31.18 14.83
N ASN B 348 -13.99 31.56 14.67
CA ASN B 348 -14.42 32.92 14.92
C ASN B 348 -15.10 33.01 16.28
N PRO B 349 -14.51 33.77 17.21
CA PRO B 349 -13.29 34.58 17.17
C PRO B 349 -12.00 33.77 17.29
N ALA B 350 -12.12 32.58 17.87
CA ALA B 350 -10.98 31.73 18.11
C ALA B 350 -11.44 30.28 18.34
N CYS B 351 -10.49 29.35 18.30
CA CYS B 351 -10.78 27.95 18.58
C CYS B 351 -9.62 27.26 19.26
N PHE B 352 -9.92 26.19 19.99
CA PHE B 352 -8.90 25.31 20.50
C PHE B 352 -8.82 24.10 19.58
N ILE B 353 -7.61 23.80 19.11
CA ILE B 353 -7.40 22.70 18.17
C ILE B 353 -6.69 21.52 18.82
N THR B 354 -7.30 20.34 18.77
CA THR B 354 -6.65 19.09 19.17
C THR B 354 -6.38 18.19 17.96
N GLN B 355 -5.17 17.62 17.90
CA GLN B 355 -4.85 16.62 16.89
C GLN B 355 -5.28 15.25 17.43
N LEU B 356 -5.94 14.46 16.58
CA LEU B 356 -6.42 13.14 16.97
C LEU B 356 -5.64 12.04 16.29
N LEU B 357 -5.36 12.21 15.01
CA LEU B 357 -4.58 11.25 14.26
C LEU B 357 -3.44 11.97 13.55
N PRO B 358 -2.28 11.31 13.38
CA PRO B 358 -1.97 9.94 13.80
C PRO B 358 -1.70 9.75 15.31
N VAL B 359 -1.42 10.82 16.03
CA VAL B 359 -1.28 10.74 17.48
C VAL B 359 -2.04 11.87 18.14
N LYS B 360 -2.67 11.57 19.27
CA LYS B 360 -3.46 12.57 19.97
C LYS B 360 -2.52 13.61 20.57
N ARG B 361 -2.84 14.88 20.34
CA ARG B 361 -2.02 15.96 20.85
C ARG B 361 -2.81 17.27 20.82
N LYS B 362 -2.69 18.05 21.88
CA LYS B 362 -3.31 19.38 21.94
C LYS B 362 -2.41 20.40 21.28
N LEU B 363 -2.98 21.25 20.44
CA LEU B 363 -2.22 22.26 19.71
C LEU B 363 -2.49 23.68 20.19
N GLY B 364 -3.31 23.83 21.23
CA GLY B 364 -3.59 25.14 21.80
C GLY B 364 -4.66 25.92 21.07
N PHE B 365 -4.73 27.21 21.38
CA PHE B 365 -5.76 28.09 20.84
C PHE B 365 -5.30 28.74 19.55
N TYR B 366 -6.26 29.19 18.75
CA TYR B 366 -5.98 29.77 17.45
C TYR B 366 -7.00 30.87 17.18
N GLU B 367 -6.54 32.09 16.93
CA GLU B 367 -7.44 33.20 16.60
C GLU B 367 -7.93 33.02 15.17
N TRP B 368 -8.94 33.79 14.78
CA TRP B 368 -9.54 33.64 13.46
C TRP B 368 -8.53 33.90 12.32
N THR B 369 -7.52 34.72 12.58
CA THR B 369 -6.57 35.12 11.55
C THR B 369 -5.31 34.26 11.51
N SER B 370 -5.16 33.36 12.47
CA SER B 370 -3.94 32.56 12.61
C SER B 370 -3.86 31.43 11.59
N ARG B 371 -2.66 30.86 11.46
CA ARG B 371 -2.39 29.81 10.49
C ARG B 371 -1.91 28.55 11.17
N LEU B 372 -2.35 27.41 10.66
CA LEU B 372 -1.96 26.12 11.21
C LEU B 372 -1.01 25.42 10.24
N ARG B 373 0.07 24.88 10.79
CA ARG B 373 1.11 24.19 10.03
C ARG B 373 1.21 22.76 10.55
N SER B 374 1.08 21.79 9.65
CA SER B 374 1.27 20.39 10.01
C SER B 374 2.18 19.70 9.00
N HIS B 375 2.79 18.61 9.45
CA HIS B 375 3.56 17.76 8.58
C HIS B 375 2.78 16.47 8.42
N ILE B 376 2.54 16.09 7.17
CA ILE B 376 1.68 14.97 6.83
C ILE B 376 2.51 13.94 6.07
N ASN B 377 2.47 12.69 6.53
CA ASN B 377 3.20 11.61 5.89
C ASN B 377 2.59 11.27 4.55
N PRO B 378 3.42 10.85 3.58
CA PRO B 378 2.93 10.43 2.28
C PRO B 378 1.85 9.36 2.39
N THR B 379 0.69 9.62 1.79
CA THR B 379 -0.49 8.76 1.86
C THR B 379 -1.12 8.74 3.26
N GLY B 380 -0.63 9.59 4.15
CA GLY B 380 -1.12 9.65 5.51
C GLY B 380 -2.08 10.81 5.65
N THR B 381 -2.62 10.97 6.84
CA THR B 381 -3.60 12.01 7.12
C THR B 381 -3.39 12.53 8.53
N VAL B 382 -3.47 13.85 8.68
CA VAL B 382 -3.60 14.45 9.99
C VAL B 382 -5.10 14.76 10.18
N LEU B 383 -5.65 14.36 11.34
CA LEU B 383 -7.04 14.62 11.70
C LEU B 383 -7.08 15.51 12.93
N LEU B 384 -7.77 16.63 12.80
CA LEU B 384 -7.91 17.62 13.88
C LEU B 384 -9.37 17.79 14.27
N GLN B 385 -9.60 18.11 15.55
CA GLN B 385 -10.91 18.56 16.02
C GLN B 385 -10.79 20.00 16.49
N LEU B 386 -11.72 20.84 16.06
CA LEU B 386 -11.73 22.26 16.39
C LEU B 386 -12.90 22.55 17.31
N GLU B 387 -12.63 23.19 18.44
CA GLU B 387 -13.67 23.62 19.37
C GLU B 387 -13.71 25.13 19.35
N ASN B 388 -14.83 25.71 18.92
CA ASN B 388 -15.05 27.15 19.00
C ASN B 388 -15.05 27.62 20.45
N THR B 389 -14.56 28.83 20.69
CA THR B 389 -14.41 29.32 22.07
C THR B 389 -15.64 30.04 22.65
N MET B 390 -16.69 30.21 21.85
CA MET B 390 -17.94 30.83 22.34
C MET B 390 -18.69 29.89 23.28
#